data_7TKV
#
_entry.id   7TKV
#
_cell.length_a   94.201
_cell.length_b   94.201
_cell.length_c   327.726
_cell.angle_alpha   90.000
_cell.angle_beta   90.000
_cell.angle_gamma   90.000
#
_symmetry.space_group_name_H-M   'P 43 21 2'
#
loop_
_entity.id
_entity.type
_entity.pdbx_description
1 polymer 'Thioredox_DsbH domain-containing protein'
2 non-polymer GLYCEROL
3 non-polymer 'PHOSPHATE ION'
4 non-polymer 'CHLORIDE ION'
5 water water
#
_entity_poly.entity_id   1
_entity_poly.type   'polypeptide(L)'
_entity_poly.pdbx_seq_one_letter_code
;SNAAEPDSNRLAGEPSAYLRQHANNPVHWQPWGRKALDAAKELDRPILLSIGYAACHWCHV(MSE)AHESFEDDDVAAV
(MSE)NAFFINVKVDREERPDIDQIY(MSE)AALGA(MSE)GQQGGWPLT(MSE)FLRPDGKPFWGGTYIPRHARHN
(MSE)PGFVDILHAVNNLWHRDKDKINHNAEAVFDHLEGRLAAQSQPLQNEISRFDDLANRIGSLIDPQRGGIEGVPKFP
NAPF(MSE)DTLWLSWLYRHNETHRDNFLLSLKT(MSE)LQGGIYDHLGGGLCRYSTDAEWLVPHFEK(MSE)LYDNAQF
IRHANYAFAETGDDLFRIRIEETVDWLIRE(MSE)QLPDGCFASSLDADSEGEEGKFYVWTEDEIDAVLGTDAEVFKTFY
AVTPGGNWEGKNILNRLHAAAETPTPPPLVEAARRKLLAHRETRIRPGRDDKALTDWNGLAIRALAEAGRSFARTDWLEH
AVQAYQSIGSSFQDGRIAHCR(MSE)EGAFLYPALATDYAA(MSE)INAALALYEATGEFAYIDDARKFKRALDGSHRDS
AGNYRLSALGADDVILHAYGDYDEAIPSATSQIIEALTRLFLATGDSALYEENEKLIEQALGRALAQQYGQIGILNACRF
AGEPLSLLIAATDRTDELVSIANRTPDPRRLDKFVLVERGKT(MSE)SLPTGGTIEPEHPAAWFCKGHVCLPPVDTGEAL
RSLL
;
_entity_poly.pdbx_strand_id   A,B
#
# COMPACT_ATOMS: atom_id res chain seq x y z
N PRO A 6 -53.23 1.12 -23.70
CA PRO A 6 -52.29 1.82 -24.57
C PRO A 6 -52.89 3.08 -25.17
N ASP A 7 -54.06 3.49 -24.66
CA ASP A 7 -54.77 4.65 -25.17
C ASP A 7 -55.00 5.71 -24.10
N SER A 8 -54.34 5.59 -22.94
CA SER A 8 -54.52 6.53 -21.85
C SER A 8 -53.16 6.82 -21.21
N ASN A 9 -53.17 7.68 -20.20
CA ASN A 9 -51.96 8.11 -19.50
C ASN A 9 -51.83 7.27 -18.23
N ARG A 10 -51.02 6.21 -18.30
CA ARG A 10 -50.84 5.29 -17.19
C ARG A 10 -49.67 5.67 -16.30
N LEU A 11 -49.21 6.92 -16.35
CA LEU A 11 -48.05 7.33 -15.59
C LEU A 11 -48.36 7.52 -14.11
N ALA A 12 -49.62 7.68 -13.75
CA ALA A 12 -49.99 7.84 -12.35
C ALA A 12 -49.70 6.56 -11.57
N GLY A 13 -49.54 6.71 -10.26
CA GLY A 13 -49.21 5.60 -9.38
C GLY A 13 -47.79 5.11 -9.49
N GLU A 14 -46.98 5.65 -10.39
CA GLU A 14 -45.60 5.20 -10.51
C GLU A 14 -44.77 5.74 -9.35
N PRO A 15 -43.79 4.98 -8.85
CA PRO A 15 -43.02 5.46 -7.69
C PRO A 15 -42.11 6.63 -8.01
N SER A 16 -42.66 7.72 -8.53
CA SER A 16 -41.86 8.86 -8.91
C SER A 16 -42.73 10.11 -8.97
N ALA A 17 -42.23 11.21 -8.41
CA ALA A 17 -42.96 12.47 -8.50
C ALA A 17 -42.84 13.08 -9.89
N TYR A 18 -41.72 12.83 -10.58
CA TYR A 18 -41.54 13.38 -11.93
C TYR A 18 -42.53 12.78 -12.92
N LEU A 19 -42.85 11.50 -12.77
CA LEU A 19 -43.79 10.87 -13.69
C LEU A 19 -45.22 11.30 -13.40
N ARG A 20 -45.56 11.47 -12.12
CA ARG A 20 -46.91 11.90 -11.77
C ARG A 20 -47.19 13.34 -12.19
N GLN A 21 -46.16 14.14 -12.43
CA GLN A 21 -46.36 15.46 -13.00
C GLN A 21 -46.85 15.40 -14.44
N HIS A 22 -46.69 14.25 -15.09
CA HIS A 22 -47.13 14.06 -16.46
C HIS A 22 -48.37 13.17 -16.57
N ALA A 23 -48.94 12.74 -15.44
CA ALA A 23 -50.10 11.85 -15.49
C ALA A 23 -51.31 12.54 -16.09
N ASN A 24 -51.41 13.86 -15.94
CA ASN A 24 -52.53 14.62 -16.47
C ASN A 24 -52.22 15.24 -17.84
N ASN A 25 -51.11 14.86 -18.46
CA ASN A 25 -50.80 15.36 -19.78
C ASN A 25 -51.73 14.72 -20.82
N PRO A 26 -52.05 15.44 -21.89
CA PRO A 26 -52.85 14.84 -22.97
C PRO A 26 -52.14 13.72 -23.71
N VAL A 27 -50.82 13.58 -23.53
CA VAL A 27 -50.10 12.48 -24.14
C VAL A 27 -50.41 11.19 -23.40
N HIS A 28 -50.64 10.12 -24.16
CA HIS A 28 -50.92 8.81 -23.58
C HIS A 28 -49.60 8.15 -23.16
N TRP A 29 -49.01 8.71 -22.12
CA TRP A 29 -47.72 8.24 -21.63
C TRP A 29 -47.82 6.82 -21.11
N GLN A 30 -46.76 6.04 -21.33
CA GLN A 30 -46.66 4.68 -20.86
C GLN A 30 -45.41 4.51 -20.01
N PRO A 31 -45.51 3.92 -18.83
CA PRO A 31 -44.30 3.60 -18.06
C PRO A 31 -43.48 2.55 -18.79
N TRP A 32 -42.16 2.64 -18.64
CA TRP A 32 -41.29 1.69 -19.32
C TRP A 32 -41.52 0.28 -18.79
N GLY A 33 -41.74 -0.66 -19.70
CA GLY A 33 -41.98 -2.03 -19.31
C GLY A 33 -42.18 -2.90 -20.52
N ARG A 34 -42.52 -4.16 -20.27
CA ARG A 34 -42.74 -5.10 -21.36
C ARG A 34 -44.01 -4.78 -22.13
N LYS A 35 -45.01 -4.20 -21.47
CA LYS A 35 -46.28 -3.90 -22.12
C LYS A 35 -46.10 -2.85 -23.21
N ALA A 36 -45.23 -1.86 -22.97
CA ALA A 36 -44.99 -0.82 -23.97
C ALA A 36 -44.22 -1.37 -25.17
N LEU A 37 -43.26 -2.25 -24.92
CA LEU A 37 -42.51 -2.86 -26.02
C LEU A 37 -43.39 -3.78 -26.85
N ASP A 38 -44.29 -4.52 -26.20
CA ASP A 38 -45.18 -5.41 -26.93
C ASP A 38 -46.24 -4.63 -27.71
N ALA A 39 -46.80 -3.58 -27.10
CA ALA A 39 -47.77 -2.76 -27.81
C ALA A 39 -47.14 -2.02 -28.98
N ALA A 40 -45.84 -1.72 -28.91
CA ALA A 40 -45.16 -1.09 -30.03
C ALA A 40 -44.95 -2.07 -31.18
N LYS A 41 -44.82 -3.37 -30.86
CA LYS A 41 -44.64 -4.36 -31.91
C LYS A 41 -45.95 -4.67 -32.63
N GLU A 42 -47.06 -4.73 -31.89
CA GLU A 42 -48.35 -5.06 -32.49
C GLU A 42 -48.88 -3.94 -33.37
N LEU A 43 -48.41 -2.71 -33.19
CA LEU A 43 -48.90 -1.57 -33.95
C LEU A 43 -47.92 -1.07 -34.99
N ASP A 44 -46.75 -1.71 -35.12
CA ASP A 44 -45.73 -1.31 -36.07
C ASP A 44 -45.41 0.18 -35.94
N ARG A 45 -45.12 0.59 -34.70
CA ARG A 45 -44.96 2.01 -34.39
C ARG A 45 -43.67 2.23 -33.60
N PRO A 46 -42.90 3.25 -33.95
CA PRO A 46 -41.70 3.56 -33.18
C PRO A 46 -42.05 4.09 -31.80
N ILE A 47 -41.13 3.89 -30.86
CA ILE A 47 -41.32 4.33 -29.48
C ILE A 47 -40.74 5.73 -29.32
N LEU A 48 -41.49 6.62 -28.69
CA LEU A 48 -41.04 7.97 -28.38
C LEU A 48 -40.61 7.99 -26.92
N LEU A 49 -39.31 7.77 -26.69
CA LEU A 49 -38.77 7.71 -25.34
C LEU A 49 -38.42 9.11 -24.85
N SER A 50 -38.88 9.45 -23.65
CA SER A 50 -38.60 10.73 -23.02
C SER A 50 -38.04 10.47 -21.63
N ILE A 51 -36.76 10.79 -21.44
CA ILE A 51 -36.07 10.54 -20.17
C ILE A 51 -35.75 11.88 -19.53
N GLY A 52 -36.07 12.01 -18.25
CA GLY A 52 -35.78 13.21 -17.50
C GLY A 52 -35.81 12.95 -16.02
N TYR A 53 -35.73 14.03 -15.24
CA TYR A 53 -35.78 13.93 -13.80
C TYR A 53 -36.51 15.14 -13.24
N ALA A 54 -36.90 15.04 -11.96
CA ALA A 54 -37.78 16.04 -11.37
C ALA A 54 -37.09 17.39 -11.22
N ALA A 55 -35.79 17.39 -10.94
CA ALA A 55 -35.07 18.64 -10.70
C ALA A 55 -34.65 19.34 -11.97
N CYS A 56 -34.81 18.73 -13.14
CA CYS A 56 -34.37 19.34 -14.38
C CYS A 56 -35.29 20.49 -14.77
N HIS A 57 -34.69 21.65 -15.06
CA HIS A 57 -35.46 22.82 -15.47
C HIS A 57 -35.96 22.68 -16.90
N TRP A 58 -35.08 22.28 -17.82
CA TRP A 58 -35.48 22.17 -19.22
C TRP A 58 -36.29 20.92 -19.52
N CYS A 59 -36.45 20.02 -18.55
CA CYS A 59 -37.44 18.95 -18.72
C CYS A 59 -38.86 19.48 -18.57
N HIS A 60 -39.03 20.52 -17.75
CA HIS A 60 -40.36 21.08 -17.53
C HIS A 60 -40.78 22.04 -18.63
N VAL A 61 -39.81 22.68 -19.30
CA VAL A 61 -40.17 23.62 -20.36
C VAL A 61 -40.61 22.87 -21.62
N ALA A 63 -42.21 20.03 -21.47
CA ALA A 63 -43.55 19.59 -21.11
C ALA A 63 -44.55 20.73 -21.21
N HIS A 64 -44.14 21.95 -20.85
CA HIS A 64 -45.06 23.08 -20.93
C HIS A 64 -45.23 23.55 -22.37
N GLU A 65 -44.21 23.36 -23.21
CA GLU A 65 -44.31 23.76 -24.61
C GLU A 65 -45.03 22.71 -25.45
N SER A 66 -44.71 21.43 -25.24
CA SER A 66 -45.19 20.37 -26.12
C SER A 66 -46.08 19.38 -25.38
N PHE A 67 -45.60 18.73 -24.33
CA PHE A 67 -46.33 17.62 -23.71
C PHE A 67 -47.68 18.05 -23.15
N GLU A 68 -47.86 19.33 -22.83
CA GLU A 68 -49.15 19.84 -22.40
C GLU A 68 -49.95 20.46 -23.53
N ASP A 69 -49.40 20.50 -24.75
CA ASP A 69 -50.11 21.03 -25.90
C ASP A 69 -50.99 19.96 -26.50
N ASP A 70 -52.27 20.28 -26.72
CA ASP A 70 -53.20 19.30 -27.27
C ASP A 70 -52.95 19.05 -28.75
N ASP A 71 -52.53 20.08 -29.49
CA ASP A 71 -52.32 19.92 -30.93
C ASP A 71 -51.23 18.89 -31.23
N VAL A 72 -50.14 18.93 -30.47
CA VAL A 72 -49.04 17.99 -30.70
C VAL A 72 -49.21 16.70 -29.92
N ALA A 73 -50.07 16.68 -28.89
CA ALA A 73 -50.35 15.43 -28.21
C ALA A 73 -51.17 14.48 -29.09
N ALA A 74 -51.98 15.03 -29.99
CA ALA A 74 -52.77 14.20 -30.89
C ALA A 74 -51.89 13.46 -31.88
N VAL A 75 -50.85 14.11 -32.38
CA VAL A 75 -49.95 13.46 -33.34
C VAL A 75 -48.97 12.52 -32.65
N ASN A 77 -49.93 10.65 -30.01
CA ASN A 77 -50.80 9.49 -29.76
C ASN A 77 -51.20 8.77 -31.04
N ALA A 78 -51.07 9.42 -32.18
CA ALA A 78 -51.50 8.87 -33.47
C ALA A 78 -50.45 7.95 -34.10
N PHE A 79 -49.20 8.42 -34.20
CA PHE A 79 -48.16 7.68 -34.91
C PHE A 79 -46.94 7.42 -34.03
N PHE A 80 -47.13 7.37 -32.71
CA PHE A 80 -46.09 6.97 -31.79
C PHE A 80 -46.73 6.30 -30.58
N ILE A 81 -45.99 5.40 -29.94
CA ILE A 81 -46.27 4.97 -28.58
C ILE A 81 -45.28 5.70 -27.67
N ASN A 82 -45.79 6.35 -26.64
CA ASN A 82 -45.03 7.33 -25.88
C ASN A 82 -44.68 6.75 -24.51
N VAL A 83 -43.38 6.68 -24.24
CA VAL A 83 -42.86 6.14 -22.99
C VAL A 83 -42.00 7.20 -22.32
N LYS A 84 -42.34 7.54 -21.08
CA LYS A 84 -41.57 8.48 -20.29
C LYS A 84 -40.90 7.72 -19.15
N VAL A 85 -39.62 8.02 -18.93
CA VAL A 85 -38.80 7.33 -17.92
C VAL A 85 -38.23 8.36 -16.98
N ASP A 86 -38.35 8.10 -15.67
CA ASP A 86 -37.67 8.91 -14.67
C ASP A 86 -36.22 8.43 -14.57
N ARG A 87 -35.29 9.38 -14.70
CA ARG A 87 -33.88 9.04 -14.73
C ARG A 87 -33.45 8.36 -13.44
N GLU A 88 -33.86 8.91 -12.30
CA GLU A 88 -33.46 8.35 -11.01
C GLU A 88 -34.23 7.08 -10.67
N GLU A 89 -35.35 6.81 -11.35
CA GLU A 89 -36.13 5.61 -11.10
C GLU A 89 -35.64 4.42 -11.91
N ARG A 90 -35.20 4.65 -13.15
CA ARG A 90 -34.67 3.60 -14.01
C ARG A 90 -33.34 4.08 -14.58
N PRO A 91 -32.29 4.15 -13.75
CA PRO A 91 -30.98 4.60 -14.26
C PRO A 91 -30.31 3.60 -15.17
N ASP A 92 -30.75 2.33 -15.16
CA ASP A 92 -30.23 1.37 -16.13
C ASP A 92 -30.66 1.73 -17.54
N ILE A 93 -31.94 2.09 -17.70
CA ILE A 93 -32.43 2.54 -19.00
C ILE A 93 -31.75 3.84 -19.40
N ASP A 94 -31.47 4.71 -18.41
CA ASP A 94 -30.83 5.98 -18.70
C ASP A 94 -29.44 5.79 -19.29
N GLN A 95 -28.65 4.87 -18.72
CA GLN A 95 -27.30 4.63 -19.24
C GLN A 95 -27.33 3.94 -20.59
N ILE A 96 -28.39 3.17 -20.88
CA ILE A 96 -28.48 2.50 -22.17
C ILE A 96 -28.63 3.51 -23.29
N TYR A 97 -29.53 4.48 -23.12
CA TYR A 97 -29.89 5.40 -24.18
C TYR A 97 -29.16 6.74 -24.08
N ALA A 99 -25.69 6.48 -23.80
CA ALA A 99 -24.62 5.98 -24.66
C ALA A 99 -25.05 5.90 -26.12
N ALA A 100 -26.36 5.81 -26.37
CA ALA A 100 -26.84 5.79 -27.76
C ALA A 100 -26.54 7.11 -28.45
N LEU A 101 -26.71 8.23 -27.74
CA LEU A 101 -26.31 9.52 -28.31
C LEU A 101 -24.80 9.62 -28.48
N GLY A 102 -24.04 9.00 -27.57
CA GLY A 102 -22.60 8.97 -27.73
C GLY A 102 -22.15 8.23 -28.97
N ALA A 103 -22.95 7.27 -29.41
CA ALA A 103 -22.65 6.56 -30.65
C ALA A 103 -23.14 7.30 -31.88
N GLY A 105 -23.04 10.77 -32.05
CA GLY A 105 -22.23 11.98 -32.12
C GLY A 105 -22.79 13.14 -31.33
N GLN A 106 -24.05 13.07 -30.91
CA GLN A 106 -24.63 14.14 -30.10
C GLN A 106 -23.96 14.20 -28.74
N GLN A 107 -23.88 15.41 -28.18
CA GLN A 107 -23.27 15.59 -26.87
C GLN A 107 -24.06 14.87 -25.79
N GLY A 108 -25.38 15.07 -25.75
CA GLY A 108 -26.23 14.43 -24.79
C GLY A 108 -26.66 15.38 -23.68
N GLY A 109 -27.64 14.94 -22.92
CA GLY A 109 -28.20 15.74 -21.84
C GLY A 109 -29.68 15.46 -21.69
N TRP A 110 -30.23 16.02 -20.61
CA TRP A 110 -31.63 15.82 -20.32
C TRP A 110 -32.39 17.13 -20.39
N PRO A 111 -33.63 17.15 -20.93
CA PRO A 111 -34.44 16.00 -21.39
C PRO A 111 -33.85 15.22 -22.56
N LEU A 112 -34.09 13.92 -22.58
CA LEU A 112 -33.60 13.03 -23.62
C LEU A 112 -34.79 12.52 -24.41
N THR A 113 -34.83 12.86 -25.70
CA THR A 113 -35.92 12.46 -26.58
C THR A 113 -35.36 11.58 -27.68
N PHE A 115 -36.00 7.90 -30.40
CA PHE A 115 -36.98 7.11 -31.15
C PHE A 115 -36.49 5.67 -31.24
N LEU A 116 -37.29 4.75 -30.73
CA LEU A 116 -36.92 3.35 -30.62
C LEU A 116 -37.87 2.50 -31.46
N ARG A 117 -37.30 1.58 -32.23
CA ARG A 117 -38.12 0.59 -32.92
C ARG A 117 -38.62 -0.44 -31.91
N PRO A 118 -39.69 -1.19 -32.25
CA PRO A 118 -40.36 -2.02 -31.24
C PRO A 118 -39.47 -2.90 -30.38
N ASP A 119 -38.33 -3.38 -30.90
CA ASP A 119 -37.48 -4.24 -30.09
C ASP A 119 -36.71 -3.47 -29.02
N GLY A 120 -36.69 -2.14 -29.09
CA GLY A 120 -36.05 -1.32 -28.09
C GLY A 120 -34.75 -0.68 -28.52
N LYS A 121 -34.24 -1.01 -29.70
CA LYS A 121 -32.96 -0.43 -30.14
C LYS A 121 -33.20 0.92 -30.80
N PRO A 122 -32.42 1.94 -30.48
CA PRO A 122 -32.68 3.28 -31.01
C PRO A 122 -32.04 3.53 -32.36
N PHE A 123 -32.68 4.39 -33.13
CA PHE A 123 -32.20 4.76 -34.46
C PHE A 123 -32.08 6.26 -34.68
N TRP A 124 -32.76 7.10 -33.91
CA TRP A 124 -32.63 8.55 -34.00
C TRP A 124 -32.79 9.14 -32.62
N GLY A 125 -31.89 10.05 -32.25
CA GLY A 125 -31.94 10.64 -30.93
C GLY A 125 -31.49 12.08 -30.87
N GLY A 126 -32.19 12.89 -30.08
CA GLY A 126 -31.81 14.27 -29.90
C GLY A 126 -31.99 14.68 -28.44
N THR A 127 -31.29 15.75 -28.07
CA THR A 127 -31.38 16.27 -26.72
C THR A 127 -32.74 16.92 -26.50
N TYR A 128 -32.82 18.22 -26.75
CA TYR A 128 -34.05 18.99 -26.59
C TYR A 128 -34.45 19.57 -27.93
N ILE A 129 -35.63 19.19 -28.42
CA ILE A 129 -36.14 19.69 -29.69
C ILE A 129 -37.36 20.56 -29.43
N PRO A 130 -37.20 21.87 -29.29
CA PRO A 130 -38.37 22.75 -29.12
C PRO A 130 -39.14 22.92 -30.41
N ARG A 131 -40.31 23.54 -30.29
CA ARG A 131 -41.16 23.79 -31.45
C ARG A 131 -41.32 25.29 -31.68
N GLY A 139 -38.41 22.01 -36.11
CA GLY A 139 -39.36 22.09 -35.01
C GLY A 139 -39.76 20.75 -34.45
N PHE A 140 -40.24 20.73 -33.21
CA PHE A 140 -40.68 19.48 -32.59
C PHE A 140 -41.84 18.86 -33.36
N VAL A 141 -42.77 19.69 -33.84
CA VAL A 141 -43.88 19.17 -34.63
C VAL A 141 -43.38 18.69 -35.99
N ASP A 142 -42.31 19.29 -36.50
CA ASP A 142 -41.77 18.88 -37.79
C ASP A 142 -40.92 17.61 -37.67
N ILE A 143 -40.10 17.52 -36.62
CA ILE A 143 -39.25 16.35 -36.46
C ILE A 143 -40.07 15.10 -36.14
N LEU A 144 -41.30 15.27 -35.63
CA LEU A 144 -42.18 14.13 -35.44
C LEU A 144 -42.65 13.57 -36.78
N HIS A 145 -43.05 14.45 -37.69
CA HIS A 145 -43.45 13.99 -39.02
C HIS A 145 -42.26 13.48 -39.81
N ALA A 146 -41.08 14.08 -39.61
CA ALA A 146 -39.89 13.64 -40.34
C ALA A 146 -39.53 12.20 -39.99
N VAL A 147 -39.57 11.86 -38.69
CA VAL A 147 -39.33 10.48 -38.29
C VAL A 147 -40.51 9.61 -38.69
N ASN A 148 -41.73 10.15 -38.66
CA ASN A 148 -42.91 9.37 -39.04
C ASN A 148 -42.86 8.97 -40.50
N ASN A 149 -42.15 9.74 -41.33
CA ASN A 149 -42.01 9.37 -42.74
C ASN A 149 -41.09 8.17 -42.92
N LEU A 150 -40.03 8.09 -42.11
CA LEU A 150 -39.03 7.05 -42.30
C LEU A 150 -39.56 5.66 -41.94
N TRP A 151 -40.50 5.57 -40.99
CA TRP A 151 -40.96 4.27 -40.56
C TRP A 151 -41.81 3.58 -41.62
N HIS A 152 -42.49 4.36 -42.47
CA HIS A 152 -43.31 3.79 -43.54
C HIS A 152 -42.62 3.80 -44.89
N ARG A 153 -41.59 4.64 -45.07
CA ARG A 153 -40.89 4.74 -46.34
C ARG A 153 -39.77 3.70 -46.44
N ASP A 154 -38.64 3.96 -45.77
CA ASP A 154 -37.47 3.10 -45.84
C ASP A 154 -37.13 2.63 -44.42
N LYS A 155 -37.69 1.49 -44.04
CA LYS A 155 -37.37 0.89 -42.75
C LYS A 155 -35.94 0.34 -42.73
N ASP A 156 -35.41 -0.03 -43.90
CA ASP A 156 -34.08 -0.63 -43.96
C ASP A 156 -33.01 0.35 -43.48
N LYS A 157 -33.17 1.63 -43.78
CA LYS A 157 -32.24 2.64 -43.28
C LYS A 157 -32.26 2.69 -41.75
N ILE A 158 -33.43 2.46 -41.15
CA ILE A 158 -33.52 2.41 -39.69
C ILE A 158 -32.88 1.13 -39.17
N ASN A 159 -33.25 -0.01 -39.74
CA ASN A 159 -32.73 -1.30 -39.27
C ASN A 159 -31.22 -1.41 -39.46
N HIS A 160 -30.62 -0.57 -40.31
CA HIS A 160 -29.17 -0.60 -40.47
C HIS A 160 -28.48 0.15 -39.35
N ASN A 161 -28.86 1.41 -39.13
CA ASN A 161 -28.22 2.23 -38.11
C ASN A 161 -28.66 1.87 -36.70
N ALA A 162 -29.84 1.26 -36.53
CA ALA A 162 -30.24 0.81 -35.20
C ALA A 162 -29.35 -0.33 -34.72
N GLU A 163 -28.98 -1.24 -35.63
CA GLU A 163 -28.05 -2.30 -35.26
C GLU A 163 -26.63 -1.78 -35.15
N ALA A 164 -26.28 -0.74 -35.92
CA ALA A 164 -24.97 -0.13 -35.81
C ALA A 164 -24.79 0.59 -34.47
N VAL A 165 -25.87 1.19 -33.96
CA VAL A 165 -25.80 1.82 -32.64
C VAL A 165 -25.67 0.77 -31.55
N PHE A 166 -26.42 -0.33 -31.66
CA PHE A 166 -26.42 -1.35 -30.61
C PHE A 166 -25.06 -2.01 -30.49
N ASP A 167 -24.39 -2.30 -31.61
CA ASP A 167 -23.08 -2.92 -31.55
C ASP A 167 -22.07 -2.04 -30.82
N HIS A 168 -22.20 -0.71 -30.97
N HIS A 168 -22.19 -0.71 -30.99
CA HIS A 168 -21.32 0.19 -30.24
CA HIS A 168 -21.34 0.20 -30.25
C HIS A 168 -21.70 0.27 -28.77
C HIS A 168 -21.68 0.20 -28.77
N LEU A 169 -22.97 0.06 -28.44
CA LEU A 169 -23.38 0.09 -27.04
C LEU A 169 -22.90 -1.15 -26.30
N GLU A 170 -23.06 -2.33 -26.90
CA GLU A 170 -22.60 -3.55 -26.24
C GLU A 170 -21.09 -3.64 -26.20
N GLY A 171 -20.39 -2.96 -27.10
CA GLY A 171 -18.94 -2.91 -27.07
C GLY A 171 -18.35 -1.95 -26.08
N ARG A 172 -19.19 -1.19 -25.37
CA ARG A 172 -18.71 -0.19 -24.43
C ARG A 172 -19.40 -0.33 -23.08
N LEU A 173 -20.65 -0.77 -23.07
CA LEU A 173 -21.40 -0.93 -21.82
C LEU A 173 -21.39 -2.36 -21.29
N ALA A 174 -21.22 -3.36 -22.16
CA ALA A 174 -21.27 -4.75 -21.72
C ALA A 174 -20.28 -5.60 -22.52
N ALA A 175 -19.09 -5.06 -22.77
CA ALA A 175 -18.01 -5.81 -23.41
C ALA A 175 -16.96 -6.14 -22.36
N GLN A 176 -16.56 -7.40 -22.31
CA GLN A 176 -15.62 -7.89 -21.29
C GLN A 176 -14.36 -8.39 -21.98
N SER A 177 -13.26 -7.66 -21.80
CA SER A 177 -11.96 -8.09 -22.27
C SER A 177 -11.33 -9.01 -21.22
N GLN A 178 -10.08 -9.41 -21.47
CA GLN A 178 -9.40 -10.29 -20.54
C GLN A 178 -8.98 -9.53 -19.29
N PRO A 179 -8.86 -10.22 -18.15
CA PRO A 179 -8.53 -9.53 -16.90
C PRO A 179 -7.15 -8.87 -16.95
N LEU A 180 -6.92 -7.98 -16.00
CA LEU A 180 -5.69 -7.23 -15.91
C LEU A 180 -5.26 -7.14 -14.46
N GLN A 181 -3.94 -7.21 -14.23
CA GLN A 181 -3.41 -7.22 -12.88
C GLN A 181 -3.63 -5.88 -12.18
N ASN A 182 -3.85 -5.93 -10.87
CA ASN A 182 -4.09 -4.73 -10.08
C ASN A 182 -2.74 -4.05 -9.81
N GLU A 183 -2.62 -2.80 -10.27
CA GLU A 183 -1.39 -2.04 -10.15
C GLU A 183 -1.64 -0.75 -9.39
N ILE A 184 -0.68 -0.37 -8.55
CA ILE A 184 -0.77 0.89 -7.82
C ILE A 184 -0.25 2.05 -8.68
N SER A 185 0.69 1.78 -9.58
CA SER A 185 1.30 2.84 -10.39
C SER A 185 0.26 3.52 -11.27
N ARG A 186 -0.73 2.78 -11.77
CA ARG A 186 -1.76 3.37 -12.60
C ARG A 186 -2.77 4.20 -11.81
N PHE A 187 -2.80 4.06 -10.49
CA PHE A 187 -3.62 4.95 -9.67
C PHE A 187 -2.94 6.30 -9.46
N ASP A 188 -1.60 6.29 -9.35
CA ASP A 188 -0.88 7.54 -9.12
C ASP A 188 -0.95 8.45 -10.33
N ASP A 189 -0.95 7.89 -11.54
CA ASP A 189 -1.09 8.71 -12.74
C ASP A 189 -2.45 9.39 -12.78
N LEU A 190 -3.51 8.69 -12.36
CA LEU A 190 -4.83 9.29 -12.33
C LEU A 190 -4.89 10.44 -11.33
N ALA A 191 -4.31 10.24 -10.14
CA ALA A 191 -4.32 11.30 -9.14
C ALA A 191 -3.48 12.49 -9.58
N ASN A 192 -2.40 12.25 -10.32
CA ASN A 192 -1.56 13.35 -10.79
C ASN A 192 -2.30 14.22 -11.80
N ARG A 193 -2.97 13.59 -12.77
CA ARG A 193 -3.64 14.37 -13.81
C ARG A 193 -4.89 15.05 -13.30
N ILE A 194 -5.55 14.47 -12.28
CA ILE A 194 -6.73 15.12 -11.70
C ILE A 194 -6.34 16.38 -10.96
N GLY A 195 -5.28 16.32 -10.15
CA GLY A 195 -4.80 17.49 -9.45
C GLY A 195 -4.35 18.60 -10.39
N SER A 196 -3.92 18.23 -11.61
CA SER A 196 -3.57 19.23 -12.59
C SER A 196 -4.77 19.99 -13.13
N LEU A 197 -5.97 19.42 -13.02
CA LEU A 197 -7.19 20.08 -13.47
C LEU A 197 -7.84 20.94 -12.39
N ILE A 198 -7.31 20.94 -11.18
CA ILE A 198 -7.90 21.68 -10.07
C ILE A 198 -7.58 23.17 -10.22
N ASP A 199 -8.59 24.00 -10.01
CA ASP A 199 -8.40 25.45 -10.01
C ASP A 199 -7.49 25.82 -8.84
N PRO A 200 -6.31 26.39 -9.10
CA PRO A 200 -5.39 26.69 -8.00
C PRO A 200 -5.87 27.78 -7.07
N GLN A 201 -6.72 28.69 -7.56
CA GLN A 201 -7.21 29.81 -6.76
C GLN A 201 -8.63 29.62 -6.26
N ARG A 202 -9.54 29.14 -7.11
CA ARG A 202 -10.94 28.99 -6.75
C ARG A 202 -11.31 27.59 -6.31
N GLY A 203 -10.48 26.59 -6.58
CA GLY A 203 -10.76 25.23 -6.18
C GLY A 203 -11.71 24.53 -7.13
N GLY A 204 -11.65 23.21 -7.11
CA GLY A 204 -12.48 22.38 -7.97
C GLY A 204 -11.92 22.25 -9.37
N ILE A 205 -12.58 21.40 -10.16
CA ILE A 205 -12.18 21.22 -11.55
C ILE A 205 -12.36 22.53 -12.30
N GLU A 206 -11.26 23.10 -12.79
CA GLU A 206 -11.31 24.39 -13.44
C GLU A 206 -12.15 24.32 -14.71
N GLY A 207 -13.09 25.24 -14.83
CA GLY A 207 -14.02 25.26 -15.94
C GLY A 207 -15.44 25.37 -15.43
N VAL A 208 -16.31 25.98 -16.25
CA VAL A 208 -17.70 26.18 -15.87
C VAL A 208 -18.58 25.23 -16.68
N PRO A 209 -19.62 24.64 -16.07
CA PRO A 209 -20.00 24.76 -14.66
C PRO A 209 -19.09 23.97 -13.73
N LYS A 210 -19.19 24.22 -12.42
CA LYS A 210 -18.40 23.52 -11.42
C LYS A 210 -19.30 22.62 -10.59
N PHE A 211 -19.04 21.31 -10.66
CA PHE A 211 -19.73 20.28 -9.90
C PHE A 211 -18.89 19.86 -8.70
N PRO A 212 -19.54 19.37 -7.63
CA PRO A 212 -18.77 18.84 -6.51
C PRO A 212 -17.81 17.73 -6.90
N ASN A 213 -18.17 16.91 -7.88
CA ASN A 213 -17.31 15.87 -8.44
C ASN A 213 -16.78 14.96 -7.34
N ALA A 214 -17.71 14.22 -6.73
CA ALA A 214 -17.35 13.35 -5.62
C ALA A 214 -16.33 12.28 -6.00
N PRO A 215 -16.44 11.57 -7.13
CA PRO A 215 -15.39 10.60 -7.49
C PRO A 215 -14.02 11.23 -7.68
N PHE A 216 -13.96 12.46 -8.20
CA PHE A 216 -12.68 13.14 -8.34
C PHE A 216 -12.07 13.45 -6.97
N ASP A 218 -12.60 11.82 -4.22
CA ASP A 218 -12.18 10.56 -3.61
C ASP A 218 -10.76 10.20 -4.03
N THR A 219 -10.41 10.47 -5.30
CA THR A 219 -9.06 10.19 -5.77
C THR A 219 -8.04 11.08 -5.08
N LEU A 220 -8.34 12.38 -4.96
CA LEU A 220 -7.41 13.30 -4.33
C LEU A 220 -7.17 12.94 -2.88
N TRP A 221 -8.22 12.54 -2.16
CA TRP A 221 -8.06 12.19 -0.76
C TRP A 221 -7.33 10.86 -0.60
N LEU A 222 -7.65 9.88 -1.46
CA LEU A 222 -6.95 8.60 -1.41
C LEU A 222 -5.47 8.78 -1.76
N SER A 223 -5.17 9.69 -2.69
CA SER A 223 -3.78 9.99 -3.00
C SER A 223 -3.06 10.60 -1.82
N TRP A 224 -3.77 11.38 -1.00
CA TRP A 224 -3.16 11.95 0.19
C TRP A 224 -2.91 10.88 1.25
N LEU A 225 -3.85 9.93 1.40
CA LEU A 225 -3.72 8.93 2.45
C LEU A 225 -2.68 7.89 2.11
N TYR A 226 -2.67 7.40 0.86
CA TYR A 226 -1.78 6.33 0.44
C TYR A 226 -0.39 6.81 0.04
N ARG A 227 -0.21 8.09 -0.28
CA ARG A 227 1.08 8.57 -0.72
C ARG A 227 1.64 9.74 0.09
N HIS A 228 0.90 10.25 1.08
CA HIS A 228 1.29 11.46 1.81
C HIS A 228 1.53 12.61 0.85
N ASN A 229 0.71 12.68 -0.20
CA ASN A 229 0.81 13.74 -1.21
C ASN A 229 0.12 14.98 -0.66
N GLU A 230 0.94 15.96 -0.25
CA GLU A 230 0.38 17.16 0.38
C GLU A 230 -0.28 18.07 -0.65
N THR A 231 0.12 17.98 -1.92
CA THR A 231 -0.49 18.83 -2.96
C THR A 231 -1.93 18.41 -3.22
N HIS A 232 -2.16 17.10 -3.39
CA HIS A 232 -3.51 16.61 -3.62
C HIS A 232 -4.41 16.84 -2.41
N ARG A 233 -3.84 16.80 -1.21
CA ARG A 233 -4.62 17.08 0.00
C ARG A 233 -5.13 18.52 -0.01
N ASP A 234 -4.24 19.47 -0.30
CA ASP A 234 -4.65 20.88 -0.33
C ASP A 234 -5.64 21.15 -1.47
N ASN A 235 -5.52 20.43 -2.58
CA ASN A 235 -6.52 20.54 -3.63
C ASN A 235 -7.89 20.07 -3.13
N PHE A 236 -7.91 18.98 -2.37
CA PHE A 236 -9.17 18.49 -1.80
C PHE A 236 -9.75 19.47 -0.79
N LEU A 237 -8.89 20.10 0.01
CA LEU A 237 -9.36 21.00 1.06
C LEU A 237 -9.85 22.32 0.48
N LEU A 238 -9.04 22.93 -0.40
CA LEU A 238 -9.42 24.22 -0.99
C LEU A 238 -10.70 24.08 -1.81
N SER A 239 -10.86 22.96 -2.53
CA SER A 239 -12.07 22.75 -3.30
C SER A 239 -13.27 22.56 -2.39
N LEU A 240 -13.11 21.81 -1.30
CA LEU A 240 -14.22 21.57 -0.38
C LEU A 240 -14.54 22.82 0.43
N LYS A 241 -13.51 23.53 0.90
CA LYS A 241 -13.74 24.70 1.74
C LYS A 241 -14.38 25.83 0.96
N THR A 242 -13.94 26.05 -0.28
CA THR A 242 -14.51 27.15 -1.07
C THR A 242 -15.96 26.86 -1.45
N LEU A 244 -18.19 24.96 0.21
CA LEU A 244 -19.00 25.13 1.41
C LEU A 244 -19.10 26.58 1.87
N GLN A 245 -18.26 27.47 1.32
CA GLN A 245 -18.35 28.89 1.61
C GLN A 245 -19.03 29.69 0.49
N GLY A 246 -19.33 29.05 -0.64
CA GLY A 246 -19.93 29.74 -1.76
C GLY A 246 -21.45 29.79 -1.68
N GLY A 247 -22.04 30.42 -2.69
CA GLY A 247 -23.48 30.51 -2.77
C GLY A 247 -24.17 29.20 -3.08
N ILE A 248 -23.42 28.17 -3.50
CA ILE A 248 -24.00 26.87 -3.76
C ILE A 248 -24.49 26.21 -2.47
N TYR A 249 -24.03 26.69 -1.32
CA TYR A 249 -24.46 26.16 -0.03
C TYR A 249 -25.51 27.05 0.61
N ASP A 250 -26.47 26.43 1.28
CA ASP A 250 -27.55 27.16 1.96
C ASP A 250 -27.04 27.56 3.34
N HIS A 251 -26.62 28.82 3.46
CA HIS A 251 -26.08 29.31 4.73
C HIS A 251 -27.14 29.48 5.80
N LEU A 252 -28.43 29.47 5.44
CA LEU A 252 -29.50 29.60 6.43
C LEU A 252 -29.92 28.25 6.98
N GLY A 253 -30.50 27.39 6.14
CA GLY A 253 -31.02 26.12 6.57
C GLY A 253 -30.14 24.91 6.31
N GLY A 254 -28.94 25.10 5.79
CA GLY A 254 -28.05 24.00 5.50
C GLY A 254 -28.43 23.29 4.21
N GLY A 255 -27.54 22.42 3.77
CA GLY A 255 -27.75 21.69 2.53
C GLY A 255 -26.94 22.27 1.38
N LEU A 256 -26.57 21.41 0.45
CA LEU A 256 -25.73 21.77 -0.69
C LEU A 256 -26.51 21.58 -1.99
N CYS A 257 -26.41 22.57 -2.87
CA CYS A 257 -27.01 22.45 -4.19
C CYS A 257 -26.09 21.67 -5.11
N ARG A 258 -26.66 21.19 -6.24
CA ARG A 258 -25.99 20.12 -6.98
C ARG A 258 -24.86 20.61 -7.88
N TYR A 259 -24.84 21.88 -8.30
CA TYR A 259 -23.69 22.40 -9.01
C TYR A 259 -23.78 23.93 -9.07
N SER A 260 -22.73 24.54 -9.60
CA SER A 260 -22.58 25.99 -9.64
C SER A 260 -22.47 26.45 -11.09
N THR A 261 -23.08 27.59 -11.39
CA THR A 261 -23.09 28.10 -12.76
C THR A 261 -21.75 28.75 -13.12
N ASP A 262 -21.13 29.44 -12.16
CA ASP A 262 -19.88 30.15 -12.39
C ASP A 262 -18.73 29.40 -11.74
N ALA A 263 -17.54 30.00 -11.82
CA ALA A 263 -16.32 29.37 -11.31
C ALA A 263 -16.02 29.74 -9.86
N GLU A 264 -16.74 30.72 -9.29
CA GLU A 264 -16.53 31.13 -7.92
C GLU A 264 -17.51 30.50 -6.94
N TRP A 265 -18.28 29.50 -7.38
CA TRP A 265 -19.31 28.86 -6.56
C TRP A 265 -20.38 29.85 -6.11
N LEU A 266 -20.61 30.91 -6.87
CA LEU A 266 -21.56 31.94 -6.46
C LEU A 266 -23.00 31.55 -6.83
N VAL A 267 -23.33 31.61 -8.11
CA VAL A 267 -24.70 31.38 -8.58
C VAL A 267 -24.87 29.89 -8.82
N PRO A 268 -25.79 29.22 -8.12
CA PRO A 268 -25.94 27.77 -8.28
C PRO A 268 -27.22 27.37 -9.01
N HIS A 269 -27.39 26.07 -9.20
CA HIS A 269 -28.70 25.50 -9.52
C HIS A 269 -29.33 25.11 -8.19
N PHE A 270 -30.41 25.79 -7.83
CA PHE A 270 -30.88 25.80 -6.44
C PHE A 270 -31.51 24.50 -5.97
N GLU A 271 -31.51 23.44 -6.76
CA GLU A 271 -32.05 22.18 -6.29
C GLU A 271 -31.04 21.48 -5.38
N LYS A 272 -31.56 20.75 -4.40
CA LYS A 272 -30.73 20.03 -3.43
C LYS A 272 -30.98 18.53 -3.60
N LEU A 274 -30.11 14.39 -2.59
CA LEU A 274 -29.75 13.61 -1.41
C LEU A 274 -28.32 13.08 -1.50
N TYR A 275 -27.91 12.66 -2.70
CA TYR A 275 -26.58 12.07 -2.83
C TYR A 275 -25.47 13.12 -2.69
N ASP A 276 -25.75 14.37 -3.04
CA ASP A 276 -24.75 15.42 -2.89
C ASP A 276 -24.38 15.61 -1.42
N ASN A 277 -25.38 15.82 -0.56
CA ASN A 277 -25.12 16.07 0.85
C ASN A 277 -24.61 14.84 1.57
N ALA A 278 -25.07 13.65 1.17
CA ALA A 278 -24.56 12.43 1.79
C ALA A 278 -23.08 12.25 1.49
N GLN A 279 -22.64 12.66 0.30
CA GLN A 279 -21.26 12.46 -0.09
C GLN A 279 -20.33 13.51 0.49
N PHE A 280 -20.79 14.75 0.64
CA PHE A 280 -19.91 15.79 1.17
C PHE A 280 -19.76 15.69 2.68
N ILE A 281 -20.76 15.13 3.37
CA ILE A 281 -20.65 14.95 4.82
C ILE A 281 -19.51 14.00 5.15
N ARG A 282 -19.38 12.92 4.39
CA ARG A 282 -18.24 12.01 4.59
C ARG A 282 -16.93 12.70 4.23
N HIS A 283 -16.92 13.49 3.16
CA HIS A 283 -15.72 14.24 2.81
C HIS A 283 -15.36 15.26 3.88
N ALA A 284 -16.37 16.00 4.35
CA ALA A 284 -16.11 17.01 5.39
C ALA A 284 -15.70 16.37 6.70
N ASN A 285 -16.21 15.17 7.00
CA ASN A 285 -15.79 14.47 8.21
C ASN A 285 -14.32 14.09 8.14
N TYR A 286 -13.87 13.62 6.96
CA TYR A 286 -12.45 13.33 6.78
C TYR A 286 -11.62 14.60 6.84
N ALA A 287 -12.14 15.70 6.28
CA ALA A 287 -11.37 16.94 6.24
C ALA A 287 -11.22 17.55 7.63
N PHE A 288 -12.23 17.40 8.49
CA PHE A 288 -12.14 17.95 9.84
C PHE A 288 -11.16 17.16 10.69
N ALA A 289 -11.09 15.84 10.51
CA ALA A 289 -10.25 15.00 11.34
C ALA A 289 -8.77 15.31 11.15
N GLU A 290 -8.39 15.91 10.03
CA GLU A 290 -6.99 16.26 9.77
C GLU A 290 -6.71 17.73 10.03
N THR A 291 -7.55 18.63 9.53
CA THR A 291 -7.27 20.05 9.66
C THR A 291 -7.71 20.60 11.01
N GLY A 292 -8.81 20.08 11.56
CA GLY A 292 -9.43 20.68 12.72
C GLY A 292 -10.17 21.96 12.44
N ASP A 293 -10.39 22.29 11.16
CA ASP A 293 -11.12 23.50 10.80
C ASP A 293 -12.59 23.35 11.19
N ASP A 294 -13.07 24.28 12.03
CA ASP A 294 -14.46 24.20 12.50
C ASP A 294 -15.47 24.35 11.38
N LEU A 295 -15.07 24.94 10.24
CA LEU A 295 -15.99 25.10 9.12
C LEU A 295 -16.55 23.75 8.69
N PHE A 296 -15.69 22.74 8.60
CA PHE A 296 -16.16 21.41 8.22
C PHE A 296 -17.11 20.83 9.25
N ARG A 297 -16.82 21.06 10.54
CA ARG A 297 -17.70 20.56 11.59
C ARG A 297 -19.04 21.27 11.57
N ILE A 298 -19.05 22.58 11.38
CA ILE A 298 -20.30 23.34 11.37
C ILE A 298 -21.15 22.93 10.16
N ARG A 299 -20.52 22.85 8.99
CA ARG A 299 -21.26 22.49 7.78
C ARG A 299 -21.88 21.11 7.89
N ILE A 300 -21.23 20.19 8.60
CA ILE A 300 -21.77 18.84 8.76
C ILE A 300 -23.05 18.88 9.60
N GLU A 301 -22.95 19.43 10.82
CA GLU A 301 -24.11 19.45 11.70
C GLU A 301 -25.20 20.39 11.23
N GLU A 302 -24.88 21.34 10.35
CA GLU A 302 -25.92 22.14 9.73
C GLU A 302 -26.70 21.34 8.70
N THR A 303 -25.99 20.55 7.88
CA THR A 303 -26.65 19.78 6.83
C THR A 303 -27.40 18.58 7.41
N VAL A 304 -26.86 17.94 8.45
CA VAL A 304 -27.59 16.87 9.11
C VAL A 304 -28.89 17.39 9.71
N ASP A 305 -28.84 18.60 10.29
CA ASP A 305 -30.07 19.24 10.74
C ASP A 305 -31.04 19.45 9.57
N TRP A 306 -30.49 19.79 8.39
CA TRP A 306 -31.34 19.96 7.21
C TRP A 306 -31.90 18.64 6.73
N LEU A 307 -31.10 17.57 6.78
CA LEU A 307 -31.58 16.26 6.35
C LEU A 307 -32.77 15.80 7.20
N ILE A 308 -32.64 15.90 8.52
CA ILE A 308 -33.71 15.44 9.41
C ILE A 308 -34.94 16.32 9.25
N ARG A 309 -34.75 17.64 9.24
CA ARG A 309 -35.87 18.56 9.28
C ARG A 309 -36.62 18.60 7.97
N GLU A 310 -35.91 18.61 6.84
CA GLU A 310 -36.53 18.89 5.55
C GLU A 310 -36.58 17.69 4.60
N GLN A 312 -36.22 14.02 5.69
CA GLN A 312 -36.64 12.74 6.24
C GLN A 312 -38.16 12.61 6.22
N LEU A 313 -38.63 11.49 5.66
CA LEU A 313 -40.04 11.18 5.57
C LEU A 313 -40.59 10.76 6.94
N PRO A 314 -41.90 10.84 7.14
CA PRO A 314 -42.47 10.40 8.42
C PRO A 314 -42.28 8.91 8.70
N ASP A 315 -42.01 8.10 7.67
CA ASP A 315 -41.82 6.67 7.85
C ASP A 315 -40.35 6.29 8.00
N GLY A 316 -39.45 7.25 8.21
CA GLY A 316 -38.08 6.94 8.53
C GLY A 316 -37.05 7.27 7.47
N CYS A 317 -37.33 6.91 6.22
CA CYS A 317 -36.35 7.07 5.15
C CYS A 317 -36.29 8.53 4.69
N PHE A 318 -35.36 8.80 3.77
CA PHE A 318 -35.09 10.15 3.29
C PHE A 318 -35.61 10.31 1.86
N ALA A 319 -36.15 11.50 1.58
CA ALA A 319 -36.63 11.82 0.24
C ALA A 319 -35.45 11.93 -0.72
N SER A 320 -35.78 12.04 -2.01
CA SER A 320 -34.76 12.01 -3.06
C SER A 320 -34.15 13.37 -3.33
N SER A 321 -34.98 14.40 -3.52
CA SER A 321 -34.45 15.71 -3.91
C SER A 321 -35.41 16.80 -3.46
N LEU A 322 -34.93 18.04 -3.57
CA LEU A 322 -35.72 19.23 -3.28
C LEU A 322 -35.64 20.15 -4.50
N ASP A 323 -36.80 20.60 -4.98
CA ASP A 323 -36.85 21.34 -6.22
C ASP A 323 -36.16 22.70 -6.08
N ALA A 324 -35.85 23.31 -7.22
CA ALA A 324 -35.25 24.64 -7.27
C ALA A 324 -36.26 25.73 -7.60
N ASP A 325 -37.34 25.39 -8.31
CA ASP A 325 -38.34 26.35 -8.73
C ASP A 325 -39.41 26.48 -7.66
N SER A 326 -39.55 27.68 -7.11
CA SER A 326 -40.60 28.01 -6.15
C SER A 326 -41.49 29.09 -6.76
N GLU A 327 -42.80 28.80 -6.82
CA GLU A 327 -43.78 29.70 -7.44
C GLU A 327 -43.45 29.97 -8.90
N GLY A 328 -42.76 29.04 -9.55
CA GLY A 328 -42.40 29.19 -10.95
C GLY A 328 -41.13 29.96 -11.22
N GLU A 329 -40.45 30.45 -10.19
CA GLU A 329 -39.20 31.18 -10.35
C GLU A 329 -38.04 30.35 -9.82
N GLU A 330 -36.90 30.45 -10.49
CA GLU A 330 -35.73 29.64 -10.15
C GLU A 330 -35.07 30.22 -8.89
N GLY A 331 -35.13 29.45 -7.80
CA GLY A 331 -34.48 29.87 -6.57
C GLY A 331 -35.16 31.01 -5.84
N LYS A 332 -36.45 31.24 -6.10
CA LYS A 332 -37.14 32.34 -5.43
C LYS A 332 -37.21 32.13 -3.92
N PHE A 333 -37.15 30.88 -3.48
CA PHE A 333 -37.24 30.56 -2.06
C PHE A 333 -35.96 30.90 -1.29
N TYR A 334 -34.80 30.79 -1.93
CA TYR A 334 -33.52 31.00 -1.26
C TYR A 334 -32.96 32.40 -1.44
N VAL A 335 -33.46 33.17 -2.38
CA VAL A 335 -32.87 34.44 -2.79
C VAL A 335 -33.57 35.58 -2.07
N TRP A 336 -32.79 36.58 -1.65
CA TRP A 336 -33.28 37.70 -0.86
C TRP A 336 -33.05 39.03 -1.57
N THR A 337 -33.85 40.01 -1.19
CA THR A 337 -33.62 41.41 -1.51
C THR A 337 -33.22 42.15 -0.25
N GLU A 338 -32.56 43.29 -0.42
CA GLU A 338 -32.04 44.03 0.74
C GLU A 338 -33.16 44.59 1.59
N ASP A 339 -34.17 45.20 0.95
CA ASP A 339 -35.21 45.90 1.70
C ASP A 339 -36.02 44.94 2.57
N GLU A 340 -36.10 43.67 2.19
CA GLU A 340 -36.78 42.70 3.04
C GLU A 340 -35.91 42.29 4.23
N ILE A 341 -34.60 42.19 4.02
CA ILE A 341 -33.69 41.87 5.13
C ILE A 341 -33.71 42.98 6.16
N ASP A 342 -33.78 44.24 5.72
CA ASP A 342 -33.85 45.35 6.65
C ASP A 342 -35.15 45.32 7.44
N ALA A 343 -36.25 44.90 6.81
CA ALA A 343 -37.54 44.92 7.48
C ALA A 343 -37.64 43.81 8.53
N VAL A 344 -37.04 42.65 8.25
CA VAL A 344 -37.18 41.52 9.15
C VAL A 344 -36.21 41.61 10.32
N LEU A 345 -34.95 41.94 10.04
CA LEU A 345 -33.92 41.96 11.08
C LEU A 345 -33.85 43.28 11.83
N GLY A 346 -34.47 44.35 11.31
CA GLY A 346 -34.49 45.60 12.05
C GLY A 346 -33.14 46.30 12.03
N THR A 347 -32.81 46.93 13.16
CA THR A 347 -31.57 47.70 13.26
C THR A 347 -30.33 46.83 13.27
N ASP A 348 -30.46 45.55 13.63
CA ASP A 348 -29.35 44.61 13.63
C ASP A 348 -29.20 43.86 12.32
N ALA A 349 -29.61 44.47 11.20
CA ALA A 349 -29.50 43.85 9.90
C ALA A 349 -28.16 44.12 9.22
N GLU A 350 -27.57 45.28 9.47
CA GLU A 350 -26.28 45.60 8.87
C GLU A 350 -25.19 44.65 9.35
N VAL A 351 -25.29 44.17 10.59
CA VAL A 351 -24.34 43.18 11.08
C VAL A 351 -24.51 41.86 10.32
N PHE A 352 -25.73 41.55 9.89
CA PHE A 352 -25.96 40.35 9.11
C PHE A 352 -25.62 40.57 7.64
N LYS A 353 -25.97 41.75 7.09
CA LYS A 353 -25.73 42.01 5.68
C LYS A 353 -24.24 42.02 5.35
N THR A 354 -23.40 42.46 6.28
CA THR A 354 -21.96 42.47 6.03
C THR A 354 -21.36 41.07 6.11
N PHE A 355 -22.01 40.17 6.85
CA PHE A 355 -21.47 38.83 7.05
C PHE A 355 -21.72 37.92 5.85
N TYR A 356 -22.72 38.22 5.03
CA TYR A 356 -23.06 37.39 3.88
C TYR A 356 -23.04 38.17 2.56
N ALA A 357 -22.33 39.30 2.52
CA ALA A 357 -22.13 40.07 1.30
C ALA A 357 -23.44 40.52 0.67
N VAL A 358 -24.37 40.98 1.51
CA VAL A 358 -25.65 41.50 1.03
C VAL A 358 -25.44 42.92 0.52
N THR A 359 -25.75 43.16 -0.74
CA THR A 359 -25.58 44.46 -1.37
C THR A 359 -26.92 44.98 -1.89
N PRO A 360 -27.09 46.29 -2.01
CA PRO A 360 -28.35 46.81 -2.55
C PRO A 360 -28.60 46.41 -3.99
N GLY A 361 -27.55 46.33 -4.80
CA GLY A 361 -27.72 45.95 -6.20
C GLY A 361 -27.85 44.46 -6.41
N GLY A 362 -27.38 43.65 -5.48
CA GLY A 362 -27.51 42.22 -5.61
C GLY A 362 -26.40 41.63 -6.47
N ASN A 363 -26.11 40.36 -6.24
CA ASN A 363 -25.08 39.62 -6.95
C ASN A 363 -25.63 38.76 -8.09
N TRP A 364 -26.93 38.53 -8.14
CA TRP A 364 -27.53 37.74 -9.21
C TRP A 364 -28.93 38.26 -9.50
N GLU A 365 -29.08 38.92 -10.65
CA GLU A 365 -30.37 39.43 -11.13
C GLU A 365 -31.04 40.33 -10.10
N GLY A 366 -30.33 41.41 -9.74
CA GLY A 366 -30.87 42.41 -8.84
C GLY A 366 -31.21 41.90 -7.45
N LYS A 367 -30.75 40.72 -7.07
CA LYS A 367 -31.06 40.16 -5.77
C LYS A 367 -29.81 39.49 -5.18
N ASN A 368 -29.87 39.17 -3.90
CA ASN A 368 -28.70 38.71 -3.15
C ASN A 368 -28.78 37.21 -2.86
N ILE A 369 -27.69 36.51 -3.17
CA ILE A 369 -27.51 35.12 -2.79
C ILE A 369 -26.50 35.09 -1.66
N LEU A 370 -26.94 34.67 -0.47
CA LEU A 370 -26.08 34.66 0.70
C LEU A 370 -24.89 33.74 0.48
N ASN A 371 -23.70 34.23 0.82
CA ASN A 371 -22.47 33.48 0.59
C ASN A 371 -21.39 34.00 1.55
N ARG A 372 -20.23 33.35 1.51
CA ARG A 372 -19.10 33.72 2.36
C ARG A 372 -17.80 33.79 1.57
N LEU A 373 -17.87 33.90 0.25
CA LEU A 373 -16.67 33.99 -0.58
C LEU A 373 -15.91 35.28 -0.34
N HIS A 374 -16.57 36.31 0.19
CA HIS A 374 -15.89 37.57 0.48
C HIS A 374 -14.78 37.38 1.50
N ALA A 375 -14.94 36.43 2.42
CA ALA A 375 -13.97 36.19 3.48
C ALA A 375 -14.08 34.72 3.90
N ALA A 376 -13.59 33.83 3.04
CA ALA A 376 -13.63 32.40 3.31
C ALA A 376 -12.53 31.95 4.26
N ALA A 377 -11.53 32.79 4.51
CA ALA A 377 -10.43 32.42 5.39
C ALA A 377 -10.63 32.86 6.83
N GLU A 378 -11.65 33.67 7.12
CA GLU A 378 -11.87 34.16 8.46
C GLU A 378 -12.47 33.06 9.34
N THR A 379 -12.78 33.42 10.58
CA THR A 379 -13.34 32.45 11.51
C THR A 379 -14.72 31.99 11.03
N PRO A 380 -14.94 30.68 10.93
CA PRO A 380 -16.23 30.21 10.39
C PRO A 380 -17.40 30.42 11.33
N THR A 381 -17.19 30.29 12.63
CA THR A 381 -18.29 30.41 13.59
C THR A 381 -18.77 31.86 13.65
N PRO A 382 -20.02 32.16 13.30
CA PRO A 382 -20.46 33.54 13.28
C PRO A 382 -20.65 34.08 14.68
N PRO A 383 -20.53 35.39 14.87
CA PRO A 383 -20.73 35.98 16.21
C PRO A 383 -22.16 35.76 16.68
N PRO A 384 -22.41 35.89 17.99
CA PRO A 384 -23.74 35.53 18.51
C PRO A 384 -24.87 36.39 17.97
N LEU A 385 -24.62 37.67 17.73
CA LEU A 385 -25.67 38.53 17.18
C LEU A 385 -26.00 38.16 15.74
N VAL A 386 -25.03 37.63 15.00
CA VAL A 386 -25.25 37.24 13.62
C VAL A 386 -26.07 35.95 13.55
N GLU A 387 -25.70 34.95 14.36
CA GLU A 387 -26.45 33.69 14.35
C GLU A 387 -27.88 33.91 14.81
N ALA A 388 -28.09 34.81 15.76
CA ALA A 388 -29.45 35.19 16.16
C ALA A 388 -30.21 35.74 14.97
N ALA A 389 -29.59 36.62 14.20
CA ALA A 389 -30.20 37.11 12.96
C ALA A 389 -30.29 36.01 11.92
N ARG A 390 -29.39 35.02 11.98
CA ARG A 390 -29.43 33.92 11.02
C ARG A 390 -30.59 32.97 11.31
N ARG A 391 -30.79 32.64 12.59
CA ARG A 391 -31.90 31.76 12.95
C ARG A 391 -33.24 32.41 12.64
N LYS A 392 -33.34 33.72 12.85
CA LYS A 392 -34.60 34.42 12.65
C LYS A 392 -34.93 34.65 11.18
N LEU A 393 -33.90 34.86 10.34
CA LEU A 393 -34.16 35.00 8.92
C LEU A 393 -34.57 33.68 8.29
N LEU A 394 -34.00 32.57 8.77
CA LEU A 394 -34.40 31.25 8.28
C LEU A 394 -35.85 30.97 8.61
N ALA A 395 -36.28 31.28 9.84
CA ALA A 395 -37.67 31.05 10.23
C ALA A 395 -38.61 31.94 9.42
N HIS A 396 -38.19 33.16 9.10
CA HIS A 396 -38.98 34.00 8.22
C HIS A 396 -39.04 33.44 6.81
N ARG A 397 -37.96 32.80 6.35
CA ARG A 397 -37.98 32.17 5.03
C ARG A 397 -38.95 31.00 4.99
N GLU A 398 -39.22 30.38 6.13
CA GLU A 398 -40.15 29.25 6.18
C GLU A 398 -41.59 29.68 5.86
N THR A 399 -41.91 30.96 6.03
CA THR A 399 -43.23 31.45 5.69
C THR A 399 -43.42 31.61 4.17
N ARG A 400 -42.34 31.59 3.40
CA ARG A 400 -42.44 31.68 1.96
C ARG A 400 -43.08 30.41 1.40
N ILE A 401 -43.54 30.50 0.15
CA ILE A 401 -44.01 29.32 -0.57
C ILE A 401 -42.82 28.38 -0.75
N ARG A 402 -42.96 27.16 -0.25
CA ARG A 402 -41.82 26.26 -0.20
C ARG A 402 -41.70 25.45 -1.48
N PRO A 403 -40.48 25.23 -1.97
CA PRO A 403 -40.31 24.40 -3.18
C PRO A 403 -40.71 22.96 -2.93
N GLY A 404 -41.30 22.35 -3.95
CA GLY A 404 -41.78 20.98 -3.82
C GLY A 404 -40.66 19.98 -3.61
N ARG A 405 -41.04 18.81 -3.12
CA ARG A 405 -40.09 17.75 -2.78
C ARG A 405 -40.49 16.45 -3.47
N ASP A 406 -39.47 15.73 -3.94
CA ASP A 406 -39.67 14.40 -4.53
C ASP A 406 -39.59 13.39 -3.40
N ASP A 407 -40.75 12.93 -2.93
CA ASP A 407 -40.81 12.01 -1.80
C ASP A 407 -40.41 10.59 -2.17
N LYS A 408 -39.95 10.36 -3.41
CA LYS A 408 -39.44 9.06 -3.80
C LYS A 408 -38.27 8.66 -2.91
N ALA A 409 -38.28 7.41 -2.45
CA ALA A 409 -37.28 6.89 -1.52
C ALA A 409 -36.38 5.91 -2.26
N LEU A 410 -35.33 6.44 -2.90
CA LEU A 410 -34.38 5.59 -3.60
C LEU A 410 -33.53 4.81 -2.59
N THR A 411 -33.36 3.51 -2.86
CA THR A 411 -32.63 2.65 -1.94
C THR A 411 -31.15 3.03 -1.89
N ASP A 412 -30.50 3.09 -3.06
CA ASP A 412 -29.07 3.34 -3.09
C ASP A 412 -28.72 4.70 -2.48
N TRP A 413 -29.54 5.72 -2.74
CA TRP A 413 -29.28 7.04 -2.18
C TRP A 413 -29.46 7.05 -0.67
N ASN A 414 -30.47 6.34 -0.17
CA ASN A 414 -30.65 6.24 1.27
C ASN A 414 -29.48 5.52 1.92
N GLY A 415 -28.92 4.51 1.24
CA GLY A 415 -27.74 3.85 1.77
C GLY A 415 -26.57 4.79 1.90
N LEU A 416 -26.41 5.71 0.94
CA LEU A 416 -25.35 6.71 1.03
C LEU A 416 -25.58 7.64 2.21
N ALA A 417 -26.85 7.99 2.47
CA ALA A 417 -27.16 8.88 3.57
C ALA A 417 -27.00 8.19 4.92
N ILE A 418 -27.34 6.90 4.99
CA ILE A 418 -27.15 6.16 6.24
C ILE A 418 -25.68 6.07 6.59
N ARG A 419 -24.82 5.81 5.58
CA ARG A 419 -23.39 5.72 5.83
C ARG A 419 -22.83 7.05 6.32
N ALA A 420 -23.30 8.16 5.74
CA ALA A 420 -22.80 9.47 6.16
C ALA A 420 -23.23 9.78 7.59
N LEU A 421 -24.47 9.46 7.95
CA LEU A 421 -24.93 9.72 9.31
C LEU A 421 -24.24 8.80 10.32
N ALA A 422 -24.02 7.54 9.94
CA ALA A 422 -23.37 6.60 10.84
C ALA A 422 -21.91 6.95 11.08
N GLU A 423 -21.23 7.49 10.05
CA GLU A 423 -19.83 7.84 10.22
C GLU A 423 -19.67 9.19 10.91
N ALA A 424 -20.55 10.16 10.60
CA ALA A 424 -20.47 11.46 11.25
C ALA A 424 -20.97 11.39 12.69
N GLY A 425 -22.04 10.62 12.92
CA GLY A 425 -22.49 10.38 14.28
C GLY A 425 -21.48 9.62 15.13
N ARG A 426 -20.56 8.90 14.50
CA ARG A 426 -19.58 8.16 15.29
C ARG A 426 -18.38 9.04 15.63
N SER A 427 -17.97 9.90 14.70
CA SER A 427 -16.81 10.76 14.91
C SER A 427 -17.14 12.02 15.71
N PHE A 428 -18.42 12.34 15.90
CA PHE A 428 -18.83 13.50 16.68
C PHE A 428 -19.62 13.14 17.92
N ALA A 429 -19.68 11.84 18.27
CA ALA A 429 -20.39 11.37 19.47
C ALA A 429 -21.84 11.81 19.49
N ARG A 430 -22.44 11.96 18.31
CA ARG A 430 -23.85 12.35 18.19
C ARG A 430 -24.68 11.08 18.06
N THR A 431 -25.19 10.59 19.19
CA THR A 431 -26.02 9.41 19.18
C THR A 431 -27.37 9.66 18.51
N ASP A 432 -27.82 10.91 18.45
CA ASP A 432 -29.08 11.20 17.78
C ASP A 432 -28.96 11.03 16.26
N TRP A 433 -27.75 11.21 15.73
CA TRP A 433 -27.54 10.96 14.30
C TRP A 433 -27.58 9.47 13.98
N LEU A 434 -27.11 8.64 14.91
CA LEU A 434 -27.14 7.19 14.69
C LEU A 434 -28.56 6.67 14.63
N GLU A 435 -29.40 7.10 15.57
CA GLU A 435 -30.77 6.59 15.60
C GLU A 435 -31.55 7.00 14.36
N HIS A 436 -31.32 8.22 13.88
CA HIS A 436 -31.92 8.62 12.60
C HIS A 436 -31.37 7.79 11.45
N ALA A 437 -30.13 7.33 11.55
CA ALA A 437 -29.58 6.45 10.53
C ALA A 437 -30.17 5.05 10.63
N VAL A 438 -30.43 4.59 11.85
CA VAL A 438 -31.07 3.29 12.02
C VAL A 438 -32.53 3.34 11.57
N GLN A 439 -33.20 4.47 11.75
CA GLN A 439 -34.57 4.61 11.28
C GLN A 439 -34.65 4.44 9.77
N ALA A 440 -33.76 5.10 9.03
CA ALA A 440 -33.75 4.95 7.58
C ALA A 440 -33.33 3.56 7.16
N TYR A 441 -32.40 2.95 7.90
CA TYR A 441 -31.93 1.62 7.54
C TYR A 441 -33.02 0.58 7.73
N GLN A 442 -33.73 0.64 8.86
CA GLN A 442 -34.81 -0.32 9.09
C GLN A 442 -36.00 -0.07 8.19
N SER A 443 -36.25 1.19 7.82
CA SER A 443 -37.39 1.49 6.96
C SER A 443 -37.13 1.03 5.53
N ILE A 444 -35.96 1.35 4.99
CA ILE A 444 -35.62 0.93 3.63
C ILE A 444 -35.51 -0.58 3.56
N GLY A 445 -34.88 -1.20 4.57
CA GLY A 445 -34.71 -2.64 4.59
C GLY A 445 -36.01 -3.42 4.74
N SER A 446 -37.12 -2.75 5.03
CA SER A 446 -38.40 -3.45 5.17
C SER A 446 -38.87 -4.05 3.86
N SER A 447 -38.42 -3.52 2.72
CA SER A 447 -38.77 -4.08 1.42
C SER A 447 -37.90 -5.26 1.03
N PHE A 448 -36.94 -5.65 1.87
CA PHE A 448 -36.05 -6.77 1.57
C PHE A 448 -36.73 -8.07 2.02
N GLN A 449 -37.77 -8.44 1.28
CA GLN A 449 -38.50 -9.68 1.50
C GLN A 449 -38.24 -10.65 0.36
N ASP A 450 -38.32 -11.95 0.68
CA ASP A 450 -38.08 -13.01 -0.30
C ASP A 450 -36.67 -12.93 -0.88
N GLY A 451 -35.74 -12.35 -0.14
CA GLY A 451 -34.40 -12.13 -0.66
C GLY A 451 -34.34 -11.13 -1.79
N ARG A 452 -35.27 -10.19 -1.83
CA ARG A 452 -35.34 -9.18 -2.89
C ARG A 452 -35.71 -7.85 -2.27
N ILE A 453 -34.83 -6.86 -2.43
CA ILE A 453 -35.11 -5.50 -1.99
C ILE A 453 -35.62 -4.72 -3.18
N ALA A 454 -36.30 -3.61 -2.89
CA ALA A 454 -36.85 -2.74 -3.92
C ALA A 454 -35.87 -1.62 -4.26
N HIS A 455 -35.91 -1.18 -5.51
CA HIS A 455 -35.06 -0.08 -5.92
C HIS A 455 -35.51 1.24 -5.30
N CYS A 456 -36.83 1.46 -5.23
CA CYS A 456 -37.38 2.64 -4.60
C CYS A 456 -38.87 2.41 -4.40
N ARG A 457 -39.48 3.26 -3.57
CA ARG A 457 -40.92 3.20 -3.35
C ARG A 457 -41.41 4.58 -2.95
N GLU A 459 -45.32 6.15 -1.44
CA GLU A 459 -46.76 6.06 -1.13
C GLU A 459 -47.30 4.66 -1.44
N GLY A 460 -46.61 3.65 -0.92
CA GLY A 460 -47.04 2.28 -1.12
C GLY A 460 -46.84 1.74 -2.52
N ALA A 461 -46.18 2.48 -3.39
CA ALA A 461 -45.90 2.05 -4.76
C ALA A 461 -44.42 1.69 -4.85
N PHE A 462 -44.14 0.39 -4.93
CA PHE A 462 -42.78 -0.12 -4.97
C PHE A 462 -42.35 -0.41 -6.41
N LEU A 463 -41.04 -0.45 -6.62
CA LEU A 463 -40.45 -0.80 -7.90
C LEU A 463 -39.49 -1.96 -7.74
N TYR A 464 -39.69 -3.01 -8.54
CA TYR A 464 -38.84 -4.18 -8.57
C TYR A 464 -38.45 -4.49 -10.00
N PRO A 465 -37.30 -5.15 -10.22
CA PRO A 465 -36.33 -5.55 -9.20
C PRO A 465 -35.31 -4.46 -8.92
N ALA A 466 -34.57 -4.59 -7.83
CA ALA A 466 -33.55 -3.61 -7.49
C ALA A 466 -32.37 -3.72 -8.45
N LEU A 467 -31.50 -2.72 -8.41
CA LEU A 467 -30.28 -2.71 -9.19
C LEU A 467 -29.08 -3.05 -8.30
N ALA A 468 -27.95 -3.31 -8.95
CA ALA A 468 -26.75 -3.70 -8.21
C ALA A 468 -26.28 -2.60 -7.27
N THR A 469 -26.59 -1.34 -7.59
CA THR A 469 -26.22 -0.23 -6.71
C THR A 469 -26.96 -0.31 -5.39
N ASP A 470 -28.17 -0.87 -5.38
CA ASP A 470 -28.96 -0.91 -4.16
C ASP A 470 -28.35 -1.84 -3.12
N TYR A 471 -27.89 -3.02 -3.54
CA TYR A 471 -27.28 -3.95 -2.60
C TYR A 471 -25.91 -3.45 -2.14
N ALA A 472 -25.13 -2.87 -3.06
CA ALA A 472 -23.81 -2.37 -2.70
C ALA A 472 -23.92 -1.22 -1.71
N ALA A 473 -24.90 -0.34 -1.90
CA ALA A 473 -25.09 0.77 -0.98
C ALA A 473 -25.57 0.30 0.39
N ILE A 475 -24.88 -2.73 1.74
CA ILE A 475 -23.74 -3.37 2.40
C ILE A 475 -22.87 -2.34 3.08
N ASN A 476 -22.52 -1.27 2.36
CA ASN A 476 -21.73 -0.19 2.96
C ASN A 476 -22.46 0.44 4.13
N ALA A 477 -23.78 0.58 4.02
CA ALA A 477 -24.56 1.15 5.12
C ALA A 477 -24.59 0.21 6.31
N ALA A 478 -24.78 -1.09 6.07
CA ALA A 478 -24.82 -2.05 7.16
C ALA A 478 -23.50 -2.11 7.91
N LEU A 479 -22.38 -2.10 7.18
CA LEU A 479 -21.08 -2.15 7.83
C LEU A 479 -20.74 -0.83 8.51
N ALA A 480 -21.23 0.29 7.97
CA ALA A 480 -21.03 1.57 8.64
C ALA A 480 -21.75 1.61 9.98
N LEU A 481 -22.98 1.08 10.02
CA LEU A 481 -23.70 1.02 11.29
C LEU A 481 -23.06 0.05 12.26
N TYR A 482 -22.31 -0.95 11.75
CA TYR A 482 -21.60 -1.86 12.64
C TYR A 482 -20.46 -1.15 13.36
N GLU A 483 -19.69 -0.34 12.64
CA GLU A 483 -18.58 0.38 13.26
C GLU A 483 -19.08 1.35 14.33
N ALA A 484 -20.29 1.88 14.16
CA ALA A 484 -20.83 2.83 15.12
C ALA A 484 -21.52 2.17 16.30
N THR A 485 -21.91 0.90 16.17
CA THR A 485 -22.63 0.19 17.23
C THR A 485 -21.92 -1.06 17.74
N GLY A 486 -21.15 -1.74 16.90
CA GLY A 486 -20.52 -2.97 17.32
C GLY A 486 -21.43 -4.17 17.38
N GLU A 487 -22.60 -4.10 16.73
CA GLU A 487 -23.57 -5.20 16.75
C GLU A 487 -23.27 -6.13 15.57
N PHE A 488 -23.02 -7.40 15.89
CA PHE A 488 -22.74 -8.39 14.86
C PHE A 488 -23.89 -8.56 13.87
N ALA A 489 -25.12 -8.22 14.27
CA ALA A 489 -26.26 -8.40 13.38
C ALA A 489 -26.11 -7.60 12.09
N TYR A 490 -25.43 -6.45 12.15
CA TYR A 490 -25.22 -5.66 10.95
C TYR A 490 -24.28 -6.36 9.97
N ILE A 491 -23.39 -7.21 10.47
CA ILE A 491 -22.49 -7.95 9.58
C ILE A 491 -23.25 -9.01 8.81
N ASP A 492 -24.10 -9.78 9.51
CA ASP A 492 -24.92 -10.78 8.83
C ASP A 492 -25.89 -10.13 7.86
N ASP A 493 -26.44 -8.97 8.22
CA ASP A 493 -27.26 -8.22 7.28
C ASP A 493 -26.44 -7.82 6.06
N ALA A 494 -25.18 -7.43 6.27
CA ALA A 494 -24.30 -7.15 5.14
C ALA A 494 -24.08 -8.40 4.30
N ARG A 495 -23.98 -9.57 4.94
N ARG A 495 -24.00 -9.57 4.95
CA ARG A 495 -23.87 -10.82 4.20
CA ARG A 495 -23.87 -10.81 4.19
C ARG A 495 -25.14 -11.11 3.42
C ARG A 495 -25.15 -11.13 3.43
N LYS A 496 -26.31 -10.89 4.04
CA LYS A 496 -27.58 -11.13 3.35
C LYS A 496 -27.70 -10.26 2.11
N PHE A 497 -27.22 -9.02 2.18
CA PHE A 497 -27.34 -8.11 1.04
C PHE A 497 -26.44 -8.54 -0.11
N LYS A 498 -25.26 -9.09 0.21
CA LYS A 498 -24.36 -9.55 -0.86
C LYS A 498 -24.92 -10.79 -1.55
N ARG A 499 -25.37 -11.78 -0.78
CA ARG A 499 -25.84 -13.02 -1.38
C ARG A 499 -27.09 -12.79 -2.22
N ALA A 500 -27.93 -11.83 -1.85
CA ALA A 500 -29.04 -11.44 -2.72
C ALA A 500 -28.52 -10.83 -4.01
N LEU A 501 -27.45 -10.03 -3.91
CA LEU A 501 -26.81 -9.49 -5.11
C LEU A 501 -26.17 -10.61 -5.93
N ASP A 502 -25.66 -11.64 -5.26
CA ASP A 502 -25.09 -12.79 -5.97
C ASP A 502 -26.16 -13.53 -6.76
N GLY A 503 -27.29 -13.80 -6.12
CA GLY A 503 -28.33 -14.60 -6.75
C GLY A 503 -29.12 -13.90 -7.83
N SER A 504 -28.93 -12.58 -8.00
CA SER A 504 -29.73 -11.81 -8.95
C SER A 504 -28.92 -11.03 -9.96
N HIS A 505 -27.62 -10.82 -9.75
CA HIS A 505 -26.83 -9.99 -10.65
C HIS A 505 -25.51 -10.61 -11.09
N ARG A 506 -25.00 -11.64 -10.41
CA ARG A 506 -23.71 -12.21 -10.76
C ARG A 506 -23.88 -13.20 -11.91
N ASP A 507 -23.13 -12.99 -12.99
CA ASP A 507 -23.24 -13.82 -14.17
C ASP A 507 -22.33 -15.04 -14.05
N SER A 508 -22.24 -15.82 -15.14
CA SER A 508 -21.44 -17.03 -15.14
C SER A 508 -19.94 -16.73 -15.08
N ALA A 509 -19.52 -15.54 -15.51
CA ALA A 509 -18.12 -15.15 -15.49
C ALA A 509 -17.68 -14.55 -14.17
N GLY A 510 -18.57 -14.50 -13.17
CA GLY A 510 -18.24 -13.92 -11.90
C GLY A 510 -18.43 -12.42 -11.81
N ASN A 511 -18.85 -11.76 -12.88
CA ASN A 511 -19.08 -10.33 -12.87
C ASN A 511 -20.50 -10.02 -12.44
N TYR A 512 -20.71 -8.76 -12.04
CA TYR A 512 -22.02 -8.27 -11.66
C TYR A 512 -22.55 -7.33 -12.75
N ARG A 513 -23.86 -7.35 -12.93
CA ARG A 513 -24.52 -6.53 -13.93
C ARG A 513 -25.54 -5.62 -13.23
N LEU A 514 -25.65 -4.38 -13.73
CA LEU A 514 -26.47 -3.38 -13.07
C LEU A 514 -27.92 -3.82 -12.98
N SER A 515 -28.52 -4.21 -14.10
CA SER A 515 -29.86 -4.76 -14.09
C SER A 515 -29.84 -6.21 -13.67
N ALA A 516 -30.92 -6.64 -13.01
CA ALA A 516 -31.03 -8.03 -12.60
C ALA A 516 -31.04 -8.94 -13.84
N LEU A 517 -30.48 -10.14 -13.67
CA LEU A 517 -30.41 -11.07 -14.79
C LEU A 517 -31.80 -11.49 -15.27
N GLY A 518 -32.79 -11.44 -14.38
CA GLY A 518 -34.16 -11.73 -14.71
C GLY A 518 -34.95 -10.57 -15.27
N ALA A 519 -34.33 -9.40 -15.44
CA ALA A 519 -35.02 -8.25 -15.99
C ALA A 519 -35.33 -8.47 -17.47
N ASP A 520 -36.57 -8.15 -17.86
CA ASP A 520 -37.04 -8.41 -19.21
C ASP A 520 -37.15 -7.16 -20.08
N ASP A 521 -37.13 -5.96 -19.48
CA ASP A 521 -37.33 -4.72 -20.22
C ASP A 521 -36.02 -4.01 -20.55
N VAL A 522 -34.89 -4.72 -20.48
CA VAL A 522 -33.58 -4.16 -20.78
C VAL A 522 -33.06 -4.79 -22.06
N ILE A 523 -32.70 -3.95 -23.04
CA ILE A 523 -32.09 -4.45 -24.27
C ILE A 523 -30.64 -4.85 -24.08
N LEU A 524 -30.04 -4.54 -22.94
CA LEU A 524 -28.63 -4.82 -22.71
C LEU A 524 -28.34 -4.77 -21.22
N HIS A 525 -27.74 -5.84 -20.71
CA HIS A 525 -27.34 -5.91 -19.29
C HIS A 525 -25.95 -5.33 -19.17
N ALA A 526 -25.88 -4.04 -18.84
CA ALA A 526 -24.60 -3.37 -18.67
C ALA A 526 -23.98 -3.76 -17.34
N TYR A 527 -22.65 -3.63 -17.27
CA TYR A 527 -21.93 -3.94 -16.04
C TYR A 527 -22.10 -2.86 -14.98
N GLY A 528 -22.41 -1.63 -15.38
CA GLY A 528 -22.43 -0.51 -14.45
C GLY A 528 -21.06 0.05 -14.16
N ASP A 529 -20.20 0.16 -15.18
CA ASP A 529 -18.82 0.57 -14.97
C ASP A 529 -18.63 2.09 -15.03
N TYR A 530 -19.62 2.83 -15.52
CA TYR A 530 -19.46 4.25 -15.76
C TYR A 530 -19.95 5.06 -14.57
N ASP A 531 -19.11 5.97 -14.08
CA ASP A 531 -19.43 6.81 -12.95
C ASP A 531 -20.32 7.98 -13.38
N GLU A 532 -21.05 8.52 -12.39
CA GLU A 532 -21.77 9.76 -12.56
C GLU A 532 -21.41 10.69 -11.41
N ALA A 533 -22.41 11.37 -10.83
CA ALA A 533 -22.17 12.10 -9.58
C ALA A 533 -21.88 11.15 -8.43
N ILE A 534 -22.28 9.90 -8.55
CA ILE A 534 -22.00 8.85 -7.58
C ILE A 534 -21.05 7.87 -8.24
N PRO A 535 -20.09 7.27 -7.52
CA PRO A 535 -19.24 6.26 -8.13
C PRO A 535 -20.06 5.13 -8.78
N SER A 536 -19.49 4.52 -9.81
CA SER A 536 -20.21 3.56 -10.62
C SER A 536 -20.63 2.35 -9.79
N ALA A 537 -21.55 1.56 -10.36
CA ALA A 537 -22.03 0.35 -9.69
C ALA A 537 -20.89 -0.60 -9.41
N THR A 538 -20.01 -0.81 -10.38
CA THR A 538 -18.88 -1.73 -10.17
C THR A 538 -17.97 -1.23 -9.07
N SER A 539 -17.81 0.09 -8.95
CA SER A 539 -16.96 0.65 -7.90
C SER A 539 -17.51 0.31 -6.52
N GLN A 540 -18.80 0.57 -6.30
CA GLN A 540 -19.38 0.33 -4.98
C GLN A 540 -19.37 -1.15 -4.62
N ILE A 541 -19.45 -2.03 -5.61
CA ILE A 541 -19.40 -3.45 -5.32
C ILE A 541 -17.99 -3.86 -4.89
N ILE A 542 -16.96 -3.30 -5.53
CA ILE A 542 -15.59 -3.59 -5.13
C ILE A 542 -15.33 -3.05 -3.74
N GLU A 543 -15.86 -1.86 -3.44
CA GLU A 543 -15.65 -1.28 -2.11
C GLU A 543 -16.42 -2.06 -1.05
N ALA A 544 -17.68 -2.42 -1.33
CA ALA A 544 -18.48 -3.15 -0.35
C ALA A 544 -17.92 -4.54 -0.10
N LEU A 545 -17.53 -5.25 -1.16
CA LEU A 545 -16.96 -6.58 -0.98
C LEU A 545 -15.60 -6.54 -0.29
N THR A 546 -14.89 -5.40 -0.36
CA THR A 546 -13.65 -5.26 0.38
C THR A 546 -13.92 -4.98 1.86
N ARG A 547 -14.86 -4.09 2.15
CA ARG A 547 -15.21 -3.80 3.54
C ARG A 547 -15.87 -5.00 4.21
N LEU A 548 -16.62 -5.80 3.46
CA LEU A 548 -17.17 -7.04 4.00
C LEU A 548 -16.04 -8.01 4.34
N PHE A 549 -14.99 -8.04 3.52
CA PHE A 549 -13.83 -8.88 3.82
C PHE A 549 -13.14 -8.42 5.09
N LEU A 550 -13.07 -7.10 5.32
CA LEU A 550 -12.43 -6.59 6.53
C LEU A 550 -13.23 -6.96 7.76
N ALA A 551 -14.56 -6.82 7.70
CA ALA A 551 -15.39 -7.10 8.86
C ALA A 551 -15.48 -8.59 9.17
N THR A 552 -15.23 -9.45 8.18
CA THR A 552 -15.40 -10.88 8.36
C THR A 552 -14.12 -11.69 8.29
N GLY A 553 -13.08 -11.17 7.65
CA GLY A 553 -11.85 -11.92 7.50
C GLY A 553 -12.00 -13.20 6.71
N ASP A 554 -13.00 -13.28 5.84
CA ASP A 554 -13.28 -14.50 5.09
C ASP A 554 -12.30 -14.63 3.93
N SER A 555 -11.51 -15.71 3.94
CA SER A 555 -10.51 -15.90 2.89
C SER A 555 -11.15 -16.19 1.54
N ALA A 556 -12.28 -16.90 1.53
CA ALA A 556 -12.96 -17.18 0.27
C ALA A 556 -13.45 -15.89 -0.38
N LEU A 557 -13.85 -14.91 0.44
CA LEU A 557 -14.24 -13.61 -0.10
C LEU A 557 -13.07 -12.91 -0.75
N TYR A 558 -11.91 -12.91 -0.10
CA TYR A 558 -10.74 -12.23 -0.63
C TYR A 558 -10.33 -12.80 -1.98
N GLU A 559 -10.43 -14.12 -2.15
CA GLU A 559 -10.00 -14.74 -3.39
C GLU A 559 -10.91 -14.36 -4.56
N GLU A 560 -12.23 -14.38 -4.34
CA GLU A 560 -13.15 -14.01 -5.41
C GLU A 560 -13.19 -12.50 -5.63
N ASN A 561 -12.75 -11.70 -4.66
CA ASN A 561 -12.69 -10.26 -4.87
C ASN A 561 -11.52 -9.89 -5.77
N GLU A 562 -10.37 -10.53 -5.58
CA GLU A 562 -9.19 -10.20 -6.39
C GLU A 562 -9.42 -10.49 -7.86
N LYS A 563 -10.09 -11.60 -8.18
CA LYS A 563 -10.39 -11.90 -9.57
C LYS A 563 -11.54 -11.06 -10.11
N LEU A 564 -12.43 -10.56 -9.24
CA LEU A 564 -13.41 -9.58 -9.68
C LEU A 564 -12.76 -8.24 -9.98
N ILE A 565 -11.72 -7.89 -9.21
CA ILE A 565 -10.98 -6.66 -9.46
C ILE A 565 -10.28 -6.73 -10.81
N GLU A 566 -9.60 -7.85 -11.08
CA GLU A 566 -8.82 -7.97 -12.31
C GLU A 566 -9.72 -7.92 -13.55
N GLN A 567 -10.94 -8.43 -13.44
CA GLN A 567 -11.87 -8.37 -14.56
C GLN A 567 -12.46 -6.98 -14.72
N ALA A 568 -12.64 -6.23 -13.62
CA ALA A 568 -13.13 -4.87 -13.74
C ALA A 568 -12.06 -3.94 -14.29
N LEU A 569 -10.79 -4.16 -13.92
CA LEU A 569 -9.71 -3.35 -14.48
C LEU A 569 -9.52 -3.61 -15.96
N GLY A 570 -9.81 -4.84 -16.41
CA GLY A 570 -9.74 -5.11 -17.84
C GLY A 570 -10.75 -4.31 -18.64
N ARG A 571 -11.94 -4.09 -18.07
CA ARG A 571 -12.93 -3.25 -18.72
C ARG A 571 -12.67 -1.77 -18.47
N ALA A 572 -12.02 -1.44 -17.34
CA ALA A 572 -11.83 -0.04 -16.98
C ALA A 572 -10.84 0.65 -17.91
N LEU A 573 -9.80 -0.07 -18.36
CA LEU A 573 -8.80 0.54 -19.21
C LEU A 573 -9.25 0.67 -20.66
N ALA A 574 -10.23 -0.12 -21.09
CA ALA A 574 -10.74 0.01 -22.45
C ALA A 574 -11.62 1.25 -22.58
N GLN A 575 -12.45 1.53 -21.58
CA GLN A 575 -13.31 2.70 -21.63
C GLN A 575 -12.48 3.97 -21.46
N GLN A 576 -12.98 5.08 -22.01
CA GLN A 576 -12.23 6.31 -22.09
C GLN A 576 -12.58 7.30 -20.98
N TYR A 577 -13.73 7.18 -20.34
CA TYR A 577 -14.10 8.08 -19.26
C TYR A 577 -15.02 7.34 -18.29
N GLY A 578 -15.16 7.93 -17.10
CA GLY A 578 -16.05 7.37 -16.09
C GLY A 578 -15.53 6.12 -15.41
N GLN A 579 -14.21 5.96 -15.31
CA GLN A 579 -13.62 4.81 -14.64
C GLN A 579 -12.93 5.20 -13.33
N ILE A 580 -13.11 6.44 -12.88
CA ILE A 580 -12.41 6.92 -11.69
C ILE A 580 -12.81 6.11 -10.48
N GLY A 581 -14.10 5.79 -10.35
CA GLY A 581 -14.56 5.04 -9.19
C GLY A 581 -13.95 3.66 -9.10
N ILE A 582 -13.88 2.95 -10.22
CA ILE A 582 -13.29 1.61 -10.23
C ILE A 582 -11.82 1.67 -9.84
N LEU A 583 -11.09 2.64 -10.37
CA LEU A 583 -9.68 2.79 -10.01
C LEU A 583 -9.54 3.18 -8.54
N ASN A 584 -10.47 3.99 -8.02
CA ASN A 584 -10.44 4.32 -6.60
C ASN A 584 -10.71 3.09 -5.75
N ALA A 585 -11.69 2.29 -6.13
CA ALA A 585 -12.05 1.11 -5.35
C ALA A 585 -10.93 0.07 -5.38
N CYS A 586 -10.28 -0.09 -6.54
CA CYS A 586 -9.24 -1.11 -6.65
C CYS A 586 -7.96 -0.71 -5.90
N ARG A 587 -7.67 0.59 -5.82
CA ARG A 587 -6.54 1.03 -5.00
C ARG A 587 -6.78 0.72 -3.54
N PHE A 588 -7.99 1.00 -3.04
CA PHE A 588 -8.35 0.63 -1.69
C PHE A 588 -8.35 -0.88 -1.51
N ALA A 589 -8.84 -1.61 -2.51
CA ALA A 589 -8.89 -3.07 -2.41
C ALA A 589 -7.50 -3.68 -2.38
N GLY A 590 -6.51 -3.01 -2.99
CA GLY A 590 -5.16 -3.50 -2.95
C GLY A 590 -4.42 -3.23 -1.65
N GLU A 591 -4.95 -2.32 -0.83
CA GLU A 591 -4.35 -1.99 0.46
C GLU A 591 -5.44 -1.60 1.44
N PRO A 592 -6.23 -2.57 1.90
CA PRO A 592 -7.28 -2.28 2.88
C PRO A 592 -6.78 -2.45 4.30
N LEU A 593 -7.20 -1.55 5.18
CA LEU A 593 -6.74 -1.51 6.56
C LEU A 593 -7.85 -1.95 7.50
N SER A 594 -7.47 -2.70 8.52
CA SER A 594 -8.40 -3.14 9.55
C SER A 594 -7.78 -2.90 10.92
N LEU A 595 -8.62 -2.54 11.89
CA LEU A 595 -8.18 -2.24 13.24
C LEU A 595 -8.99 -3.08 14.22
N LEU A 596 -8.31 -3.93 14.96
CA LEU A 596 -8.95 -4.76 15.97
C LEU A 596 -8.82 -4.06 17.32
N ILE A 597 -9.96 -3.86 17.99
CA ILE A 597 -10.02 -3.13 19.24
C ILE A 597 -10.46 -4.10 20.34
N ALA A 598 -9.53 -4.41 21.25
CA ALA A 598 -9.82 -5.26 22.40
C ALA A 598 -10.10 -4.36 23.60
N ALA A 599 -11.36 -4.26 23.99
CA ALA A 599 -11.80 -3.34 25.03
C ALA A 599 -12.48 -4.12 26.16
N THR A 600 -12.17 -3.73 27.40
CA THR A 600 -12.89 -4.27 28.55
C THR A 600 -14.24 -3.59 28.73
N ASP A 601 -14.34 -2.32 28.35
CA ASP A 601 -15.59 -1.58 28.31
C ASP A 601 -15.55 -0.68 27.08
N ARG A 602 -16.72 -0.42 26.50
CA ARG A 602 -16.74 0.39 25.28
C ARG A 602 -16.34 1.84 25.53
N THR A 603 -16.10 2.23 26.78
CA THR A 603 -15.48 3.51 27.08
C THR A 603 -13.97 3.47 26.95
N ASP A 604 -13.41 2.38 26.42
CA ASP A 604 -11.97 2.29 26.22
C ASP A 604 -11.49 3.36 25.26
N GLU A 605 -10.38 4.01 25.61
CA GLU A 605 -9.93 5.17 24.86
C GLU A 605 -9.42 4.83 23.46
N LEU A 606 -9.14 3.56 23.17
CA LEU A 606 -8.83 3.20 21.79
C LEU A 606 -10.06 3.30 20.91
N VAL A 607 -11.23 2.96 21.46
CA VAL A 607 -12.48 3.22 20.76
C VAL A 607 -12.64 4.70 20.48
N SER A 608 -12.24 5.53 21.44
CA SER A 608 -12.27 6.97 21.23
C SER A 608 -11.31 7.38 20.11
N ILE A 609 -10.07 6.91 20.18
CA ILE A 609 -9.07 7.27 19.17
C ILE A 609 -9.53 6.85 17.78
N ALA A 610 -10.13 5.66 17.66
CA ALA A 610 -10.62 5.21 16.36
C ALA A 610 -11.78 6.08 15.88
N ASN A 611 -12.66 6.50 16.78
CA ASN A 611 -13.78 7.34 16.39
C ASN A 611 -13.31 8.68 15.86
N ARG A 612 -12.32 9.29 16.52
CA ARG A 612 -11.80 10.58 16.08
C ARG A 612 -10.81 10.45 14.93
N THR A 613 -10.57 9.24 14.43
CA THR A 613 -9.67 8.99 13.31
C THR A 613 -10.42 8.26 12.20
N PRO A 614 -11.36 8.93 11.53
CA PRO A 614 -12.07 8.27 10.44
C PRO A 614 -11.19 8.14 9.20
N ASP A 615 -11.24 6.97 8.58
CA ASP A 615 -10.43 6.68 7.40
C ASP A 615 -11.25 5.84 6.42
N PRO A 616 -11.40 6.31 5.16
CA PRO A 616 -12.26 5.59 4.21
C PRO A 616 -11.66 4.27 3.75
N ARG A 617 -10.46 3.99 4.24
CA ARG A 617 -9.74 2.76 3.95
C ARG A 617 -9.75 1.76 5.10
N ARG A 618 -10.31 2.13 6.25
CA ARG A 618 -10.22 1.30 7.44
C ARG A 618 -11.61 0.89 7.92
N LEU A 619 -11.71 -0.34 8.41
CA LEU A 619 -12.89 -0.83 9.12
C LEU A 619 -12.44 -1.39 10.46
N ASP A 620 -13.15 -1.02 11.52
CA ASP A 620 -12.78 -1.38 12.87
C ASP A 620 -13.70 -2.48 13.38
N LYS A 621 -13.11 -3.56 13.89
CA LYS A 621 -13.86 -4.66 14.49
C LYS A 621 -13.60 -4.67 15.99
N PHE A 622 -14.67 -4.87 16.76
CA PHE A 622 -14.59 -4.83 18.22
C PHE A 622 -14.62 -6.25 18.79
N VAL A 623 -13.86 -6.47 19.86
CA VAL A 623 -13.84 -7.75 20.55
C VAL A 623 -13.82 -7.51 22.05
N LEU A 624 -14.97 -7.67 22.69
CA LEU A 624 -15.05 -7.48 24.14
C LEU A 624 -14.41 -8.66 24.87
N VAL A 625 -13.52 -8.37 25.80
CA VAL A 625 -12.88 -9.41 26.59
C VAL A 625 -12.97 -9.07 28.08
N GLU A 640 -12.52 8.21 31.39
CA GLU A 640 -12.84 9.12 30.28
C GLU A 640 -11.66 9.99 29.83
N PRO A 641 -10.96 10.65 30.76
CA PRO A 641 -9.83 11.49 30.35
C PRO A 641 -8.71 10.67 29.73
N GLU A 642 -7.73 11.39 29.17
CA GLU A 642 -6.58 10.73 28.56
C GLU A 642 -5.78 9.98 29.61
N HIS A 643 -5.67 8.66 29.44
CA HIS A 643 -4.99 7.79 30.40
C HIS A 643 -3.96 6.97 29.64
N PRO A 644 -2.66 7.13 29.93
CA PRO A 644 -1.65 6.36 29.20
C PRO A 644 -1.80 4.86 29.39
N ALA A 645 -2.16 4.15 28.32
CA ALA A 645 -2.42 2.72 28.37
C ALA A 645 -1.62 2.01 27.28
N ALA A 646 -1.78 0.69 27.22
CA ALA A 646 -1.05 -0.13 26.26
C ALA A 646 -1.90 -1.32 25.85
N TRP A 647 -1.89 -1.63 24.56
CA TRP A 647 -2.63 -2.75 23.99
C TRP A 647 -1.63 -3.78 23.46
N PHE A 648 -1.80 -5.02 23.87
CA PHE A 648 -0.86 -6.09 23.55
C PHE A 648 -1.60 -7.24 22.86
N CYS A 649 -0.98 -7.78 21.80
CA CYS A 649 -1.53 -8.89 21.05
C CYS A 649 -0.44 -9.94 20.83
N LYS A 650 -0.78 -11.20 21.06
CA LYS A 650 0.11 -12.33 20.81
C LYS A 650 -0.49 -13.15 19.68
N GLY A 651 -0.01 -12.92 18.47
CA GLY A 651 -0.57 -13.61 17.33
C GLY A 651 -2.00 -13.16 17.12
N HIS A 652 -2.92 -14.12 17.09
N HIS A 652 -2.92 -14.12 17.12
CA HIS A 652 -4.35 -13.82 16.96
CA HIS A 652 -4.34 -13.81 16.97
C HIS A 652 -5.02 -13.59 18.31
C HIS A 652 -5.02 -13.60 18.32
N VAL A 653 -4.25 -13.49 19.39
CA VAL A 653 -4.79 -13.37 20.75
C VAL A 653 -4.51 -11.96 21.24
N CYS A 654 -5.53 -11.11 21.23
N CYS A 654 -5.56 -11.16 21.27
CA CYS A 654 -5.43 -9.78 21.82
CA CYS A 654 -5.54 -9.81 21.83
C CYS A 654 -6.16 -9.77 23.15
C CYS A 654 -6.17 -9.82 23.21
N LEU A 655 -5.71 -8.94 24.07
CA LEU A 655 -6.17 -8.87 25.44
C LEU A 655 -6.51 -7.43 25.81
N PRO A 656 -7.33 -7.24 26.85
CA PRO A 656 -7.71 -5.90 27.27
C PRO A 656 -6.50 -5.04 27.60
N PRO A 657 -6.66 -3.72 27.60
CA PRO A 657 -5.51 -2.82 27.79
C PRO A 657 -4.86 -2.93 29.16
N VAL A 658 -3.81 -2.15 29.37
CA VAL A 658 -3.04 -2.13 30.61
C VAL A 658 -2.69 -0.69 30.93
N ASP A 659 -2.99 -0.25 32.16
CA ASP A 659 -2.75 1.12 32.57
C ASP A 659 -1.56 1.30 33.50
N THR A 660 -1.17 0.27 34.24
CA THR A 660 -0.06 0.38 35.16
C THR A 660 1.25 -0.06 34.50
N GLY A 661 2.36 0.25 35.17
CA GLY A 661 3.66 -0.11 34.63
C GLY A 661 4.05 -1.55 34.88
N GLU A 662 3.60 -2.13 35.99
CA GLU A 662 3.94 -3.52 36.30
C GLU A 662 3.15 -4.49 35.43
N ALA A 663 1.85 -4.22 35.22
CA ALA A 663 1.03 -5.11 34.41
C ALA A 663 1.52 -5.19 32.97
N LEU A 664 2.23 -4.16 32.49
CA LEU A 664 2.83 -4.25 31.16
C LEU A 664 4.07 -5.14 31.16
N ARG A 665 4.83 -5.15 32.27
CA ARG A 665 5.99 -6.04 32.35
C ARG A 665 5.58 -7.50 32.39
N SER A 666 4.36 -7.78 32.88
CA SER A 666 3.92 -9.17 32.96
C SER A 666 3.67 -9.76 31.58
N LEU A 667 3.16 -8.95 30.65
CA LEU A 667 2.84 -9.45 29.32
C LEU A 667 4.06 -9.48 28.41
N LEU A 668 4.96 -8.52 28.55
CA LEU A 668 6.16 -8.47 27.73
C LEU A 668 7.13 -9.59 28.11
N PRO B 6 35.91 -6.76 -25.74
CA PRO B 6 36.73 -7.92 -25.37
C PRO B 6 38.21 -7.72 -25.71
N ASP B 7 38.59 -6.46 -25.94
CA ASP B 7 39.99 -6.12 -26.19
C ASP B 7 40.46 -4.99 -25.27
N SER B 8 39.79 -4.79 -24.14
CA SER B 8 40.17 -3.74 -23.19
C SER B 8 39.58 -4.08 -21.83
N ASN B 9 40.39 -3.94 -20.79
CA ASN B 9 39.94 -4.23 -19.43
C ASN B 9 38.99 -3.14 -18.97
N ARG B 10 37.71 -3.49 -18.81
CA ARG B 10 36.69 -2.53 -18.42
C ARG B 10 36.35 -2.60 -16.94
N LEU B 11 37.14 -3.31 -16.14
CA LEU B 11 36.86 -3.42 -14.71
C LEU B 11 37.13 -2.14 -13.94
N ALA B 12 37.57 -1.07 -14.60
CA ALA B 12 37.73 0.22 -13.96
C ALA B 12 36.38 0.92 -13.87
N GLY B 13 36.23 1.76 -12.84
CA GLY B 13 34.99 2.45 -12.61
C GLY B 13 33.87 1.61 -12.04
N GLU B 14 34.08 0.32 -11.84
CA GLU B 14 33.04 -0.54 -11.30
C GLU B 14 32.83 -0.24 -9.81
N PRO B 15 31.60 -0.41 -9.32
CA PRO B 15 31.34 -0.11 -7.90
C PRO B 15 32.02 -1.04 -6.93
N SER B 16 32.47 -2.22 -7.37
CA SER B 16 33.17 -3.16 -6.51
C SER B 16 34.66 -2.82 -6.46
N ALA B 17 35.18 -2.65 -5.24
CA ALA B 17 36.61 -2.42 -5.07
C ALA B 17 37.43 -3.68 -5.32
N TYR B 18 36.83 -4.86 -5.17
CA TYR B 18 37.54 -6.10 -5.47
C TYR B 18 37.86 -6.20 -6.96
N LEU B 19 37.00 -5.65 -7.81
CA LEU B 19 37.25 -5.68 -9.25
C LEU B 19 38.20 -4.59 -9.69
N ARG B 20 38.25 -3.47 -8.95
CA ARG B 20 39.15 -2.39 -9.31
C ARG B 20 40.62 -2.81 -9.25
N GLN B 21 40.95 -3.69 -8.30
CA GLN B 21 42.31 -4.21 -8.20
C GLN B 21 42.68 -5.11 -9.36
N HIS B 22 41.69 -5.73 -10.00
CA HIS B 22 41.92 -6.56 -11.18
C HIS B 22 41.84 -5.77 -12.48
N ALA B 23 41.81 -4.45 -12.41
CA ALA B 23 41.70 -3.64 -13.61
C ALA B 23 43.03 -3.55 -14.36
N ASN B 24 44.15 -3.45 -13.62
CA ASN B 24 45.45 -3.38 -14.26
C ASN B 24 45.89 -4.71 -14.85
N ASN B 25 45.14 -5.78 -14.62
CA ASN B 25 45.52 -7.09 -15.13
C ASN B 25 45.58 -7.06 -16.65
N PRO B 26 46.57 -7.73 -17.26
CA PRO B 26 46.68 -7.69 -18.73
C PRO B 26 45.50 -8.34 -19.44
N VAL B 27 44.76 -9.22 -18.78
CA VAL B 27 43.59 -9.83 -19.39
C VAL B 27 42.44 -8.82 -19.40
N HIS B 28 41.76 -8.72 -20.54
CA HIS B 28 40.68 -7.75 -20.72
C HIS B 28 39.45 -8.22 -19.93
N TRP B 29 39.48 -7.95 -18.62
CA TRP B 29 38.35 -8.30 -17.77
C TRP B 29 37.11 -7.52 -18.17
N GLN B 30 35.96 -8.17 -18.11
CA GLN B 30 34.68 -7.55 -18.42
C GLN B 30 33.72 -7.75 -17.26
N PRO B 31 32.84 -6.78 -17.00
CA PRO B 31 31.81 -6.98 -15.98
C PRO B 31 30.69 -7.85 -16.50
N TRP B 32 30.01 -8.52 -15.58
CA TRP B 32 28.87 -9.35 -15.94
C TRP B 32 27.73 -8.48 -16.42
N GLY B 33 27.32 -8.66 -17.67
CA GLY B 33 26.24 -7.87 -18.22
C GLY B 33 25.85 -8.39 -19.58
N ARG B 34 24.78 -7.78 -20.12
CA ARG B 34 24.29 -8.18 -21.44
C ARG B 34 25.34 -7.96 -22.53
N LYS B 35 26.15 -6.91 -22.40
CA LYS B 35 27.17 -6.66 -23.41
C LYS B 35 28.27 -7.72 -23.41
N ALA B 36 28.42 -8.46 -22.31
CA ALA B 36 29.44 -9.51 -22.27
C ALA B 36 28.92 -10.82 -22.87
N LEU B 37 27.72 -11.23 -22.48
CA LEU B 37 27.15 -12.46 -23.01
C LEU B 37 26.91 -12.35 -24.51
N ASP B 38 26.42 -11.19 -24.96
CA ASP B 38 26.16 -11.00 -26.38
C ASP B 38 27.43 -11.14 -27.22
N ALA B 39 28.51 -10.51 -26.77
CA ALA B 39 29.77 -10.60 -27.50
C ALA B 39 30.24 -12.04 -27.64
N ALA B 40 29.95 -12.89 -26.64
CA ALA B 40 30.29 -14.30 -26.74
C ALA B 40 29.48 -15.00 -27.84
N LYS B 41 28.32 -14.47 -28.20
CA LYS B 41 27.52 -15.08 -29.26
C LYS B 41 28.08 -14.73 -30.64
N GLU B 42 28.25 -13.43 -30.91
CA GLU B 42 28.75 -13.00 -32.22
C GLU B 42 30.14 -13.55 -32.52
N LEU B 43 30.93 -13.84 -31.49
CA LEU B 43 32.26 -14.40 -31.68
C LEU B 43 32.30 -15.90 -31.44
N ASP B 44 31.18 -16.51 -31.03
CA ASP B 44 31.08 -17.95 -30.78
C ASP B 44 32.21 -18.45 -29.89
N ARG B 45 32.61 -17.61 -28.93
CA ARG B 45 33.71 -17.81 -28.00
C ARG B 45 33.17 -18.10 -26.61
N PRO B 46 33.71 -19.11 -25.92
CA PRO B 46 33.24 -19.44 -24.58
C PRO B 46 33.47 -18.30 -23.60
N ILE B 47 32.82 -18.41 -22.44
CA ILE B 47 32.94 -17.44 -21.38
C ILE B 47 33.66 -18.10 -20.21
N LEU B 48 34.63 -17.39 -19.65
CA LEU B 48 35.37 -17.86 -18.47
C LEU B 48 35.02 -16.95 -17.30
N LEU B 49 34.24 -17.49 -16.36
CA LEU B 49 33.75 -16.75 -15.21
C LEU B 49 34.63 -17.03 -14.00
N SER B 50 35.05 -15.97 -13.31
CA SER B 50 35.85 -16.08 -12.09
C SER B 50 35.13 -15.32 -10.98
N ILE B 51 34.71 -16.05 -9.95
CA ILE B 51 33.97 -15.48 -8.84
C ILE B 51 34.88 -15.44 -7.61
N GLY B 52 34.86 -14.33 -6.90
CA GLY B 52 35.68 -14.19 -5.70
C GLY B 52 35.25 -12.98 -4.91
N TYR B 53 35.73 -12.92 -3.68
CA TYR B 53 35.46 -11.81 -2.77
C TYR B 53 36.76 -11.21 -2.27
N ALA B 54 36.65 -10.01 -1.70
CA ALA B 54 37.84 -9.23 -1.35
C ALA B 54 38.65 -9.90 -0.25
N ALA B 55 37.99 -10.29 0.85
CA ALA B 55 38.67 -10.87 2.00
C ALA B 55 39.05 -12.33 1.81
N CYS B 56 39.51 -12.70 0.61
CA CYS B 56 39.93 -14.06 0.31
C CYS B 56 41.40 -14.04 -0.08
N HIS B 57 42.25 -14.62 0.78
CA HIS B 57 43.69 -14.60 0.53
C HIS B 57 44.06 -15.25 -0.78
N TRP B 58 43.30 -16.26 -1.20
CA TRP B 58 43.66 -17.06 -2.38
C TRP B 58 43.02 -16.53 -3.66
N CYS B 59 42.20 -15.49 -3.58
CA CYS B 59 41.83 -14.76 -4.78
C CYS B 59 42.98 -13.88 -5.26
N HIS B 60 43.77 -13.34 -4.33
CA HIS B 60 44.96 -12.60 -4.71
C HIS B 60 46.09 -13.52 -5.14
N VAL B 61 46.11 -14.74 -4.61
CA VAL B 61 47.15 -15.71 -4.99
C VAL B 61 47.02 -16.08 -6.46
N ALA B 63 45.70 -14.32 -8.63
CA ALA B 63 45.95 -13.10 -9.38
C ALA B 63 47.44 -12.96 -9.74
N HIS B 64 48.29 -12.92 -8.71
CA HIS B 64 49.72 -12.75 -8.95
C HIS B 64 50.33 -13.97 -9.63
N GLU B 65 49.80 -15.17 -9.37
CA GLU B 65 50.37 -16.36 -9.98
C GLU B 65 50.01 -16.46 -11.46
N SER B 66 48.78 -16.09 -11.83
CA SER B 66 48.30 -16.24 -13.19
C SER B 66 47.80 -14.94 -13.79
N PHE B 67 46.72 -14.36 -13.26
CA PHE B 67 46.05 -13.27 -13.94
C PHE B 67 46.94 -12.04 -14.07
N GLU B 68 47.74 -11.73 -13.04
CA GLU B 68 48.65 -10.60 -13.14
C GLU B 68 49.88 -10.92 -13.99
N ASP B 69 50.07 -12.18 -14.38
CA ASP B 69 51.14 -12.52 -15.30
C ASP B 69 50.73 -12.16 -16.72
N ASP B 70 51.66 -11.56 -17.47
CA ASP B 70 51.31 -11.00 -18.77
C ASP B 70 51.12 -12.08 -19.83
N ASP B 71 51.86 -13.19 -19.73
CA ASP B 71 51.85 -14.17 -20.81
C ASP B 71 50.54 -14.95 -20.83
N VAL B 72 50.11 -15.48 -19.69
CA VAL B 72 48.91 -16.32 -19.65
C VAL B 72 47.63 -15.53 -19.89
N ALA B 73 47.69 -14.20 -19.81
CA ALA B 73 46.50 -13.40 -20.07
C ALA B 73 46.17 -13.37 -21.56
N ALA B 74 47.20 -13.30 -22.41
CA ALA B 74 46.96 -13.34 -23.85
C ALA B 74 46.37 -14.67 -24.28
N VAL B 75 46.62 -15.74 -23.52
CA VAL B 75 45.98 -17.02 -23.79
C VAL B 75 44.49 -16.93 -23.53
N ASN B 77 42.81 -13.95 -23.57
CA ASN B 77 42.28 -12.89 -24.43
C ASN B 77 41.97 -13.38 -25.84
N ALA B 78 42.55 -14.49 -26.27
CA ALA B 78 42.30 -15.04 -27.59
C ALA B 78 41.43 -16.29 -27.56
N PHE B 79 41.05 -16.77 -26.38
CA PHE B 79 40.28 -18.00 -26.25
C PHE B 79 38.90 -17.82 -25.66
N PHE B 80 38.68 -16.79 -24.84
CA PHE B 80 37.39 -16.58 -24.19
C PHE B 80 37.09 -15.10 -24.10
N ILE B 81 35.96 -14.79 -23.48
CA ILE B 81 35.62 -13.45 -23.02
C ILE B 81 35.56 -13.54 -21.50
N ASN B 82 36.67 -13.21 -20.85
CA ASN B 82 36.82 -13.44 -19.42
C ASN B 82 36.15 -12.34 -18.61
N VAL B 83 35.31 -12.74 -17.66
CA VAL B 83 34.55 -11.81 -16.83
C VAL B 83 34.87 -12.09 -15.37
N LYS B 84 34.94 -11.02 -14.57
CA LYS B 84 35.22 -11.11 -13.15
C LYS B 84 34.04 -10.53 -12.39
N VAL B 85 33.59 -11.25 -11.37
CA VAL B 85 32.44 -10.87 -10.57
C VAL B 85 32.81 -10.94 -9.10
N ASP B 86 32.27 -10.00 -8.32
CA ASP B 86 32.43 -10.00 -6.87
C ASP B 86 31.27 -10.73 -6.23
N ARG B 87 31.57 -11.68 -5.35
CA ARG B 87 30.54 -12.41 -4.63
C ARG B 87 29.57 -11.49 -3.90
N GLU B 88 29.96 -10.25 -3.63
CA GLU B 88 29.14 -9.32 -2.86
C GLU B 88 28.56 -8.19 -3.69
N GLU B 89 28.96 -8.02 -4.95
CA GLU B 89 28.31 -7.11 -5.87
C GLU B 89 27.19 -7.78 -6.66
N ARG B 90 27.38 -9.04 -7.06
CA ARG B 90 26.34 -9.82 -7.72
C ARG B 90 26.19 -11.14 -6.99
N PRO B 91 25.57 -11.14 -5.80
CA PRO B 91 25.35 -12.41 -5.10
C PRO B 91 24.41 -13.35 -5.84
N ASP B 92 23.58 -12.83 -6.75
CA ASP B 92 22.74 -13.70 -7.57
C ASP B 92 23.59 -14.56 -8.49
N ILE B 93 24.67 -14.01 -9.04
CA ILE B 93 25.54 -14.77 -9.94
C ILE B 93 26.32 -15.82 -9.18
N ASP B 94 26.72 -15.50 -7.94
CA ASP B 94 27.50 -16.45 -7.15
C ASP B 94 26.67 -17.68 -6.80
N GLN B 95 25.47 -17.47 -6.27
CA GLN B 95 24.67 -18.61 -5.81
C GLN B 95 24.26 -19.52 -6.97
N ILE B 96 24.11 -18.97 -8.17
CA ILE B 96 23.78 -19.80 -9.33
C ILE B 96 24.93 -20.72 -9.67
N TYR B 97 26.12 -20.15 -9.87
CA TYR B 97 27.28 -20.92 -10.29
C TYR B 97 28.04 -21.56 -9.14
N ALA B 99 26.08 -23.41 -6.79
CA ALA B 99 25.29 -24.63 -6.84
C ALA B 99 25.51 -25.38 -8.14
N ALA B 100 25.91 -24.68 -9.20
CA ALA B 100 26.24 -25.35 -10.46
C ALA B 100 27.48 -26.22 -10.30
N LEU B 101 28.44 -25.78 -9.48
CA LEU B 101 29.64 -26.56 -9.26
C LEU B 101 29.34 -27.83 -8.46
N GLY B 102 28.54 -27.70 -7.40
CA GLY B 102 28.18 -28.87 -6.61
C GLY B 102 27.35 -29.87 -7.39
N ALA B 103 26.60 -29.40 -8.39
CA ALA B 103 25.83 -30.31 -9.23
C ALA B 103 26.69 -31.07 -10.23
N GLY B 105 29.27 -32.57 -9.37
CA GLY B 105 29.92 -33.58 -8.56
C GLY B 105 31.21 -33.15 -7.90
N GLN B 106 31.54 -31.86 -7.93
CA GLN B 106 32.76 -31.35 -7.32
C GLN B 106 32.40 -30.18 -6.41
N GLN B 107 32.65 -30.33 -5.12
CA GLN B 107 32.45 -29.24 -4.18
C GLN B 107 33.61 -28.24 -4.30
N GLY B 108 33.34 -26.99 -3.91
CA GLY B 108 34.39 -25.99 -4.01
C GLY B 108 33.98 -24.70 -3.33
N GLY B 109 34.91 -23.75 -3.38
CA GLY B 109 34.70 -22.43 -2.80
C GLY B 109 35.27 -21.34 -3.68
N TRP B 110 35.71 -20.25 -3.07
CA TRP B 110 36.21 -19.09 -3.80
C TRP B 110 37.74 -19.03 -3.73
N PRO B 111 38.42 -18.73 -4.84
CA PRO B 111 37.89 -18.37 -6.16
C PRO B 111 37.18 -19.52 -6.87
N LEU B 112 36.25 -19.19 -7.76
CA LEU B 112 35.49 -20.18 -8.53
C LEU B 112 35.63 -19.83 -10.00
N THR B 113 36.21 -20.75 -10.77
CA THR B 113 36.47 -20.55 -12.18
C THR B 113 35.55 -21.45 -12.99
N PHE B 115 33.22 -22.21 -16.91
CA PHE B 115 33.25 -22.14 -18.37
C PHE B 115 31.82 -22.18 -18.87
N LEU B 116 31.44 -21.16 -19.66
CA LEU B 116 30.05 -20.92 -20.02
C LEU B 116 29.92 -20.83 -21.53
N ARG B 117 28.94 -21.54 -22.08
CA ARG B 117 28.57 -21.34 -23.48
C ARG B 117 27.88 -19.99 -23.64
N PRO B 118 27.79 -19.47 -24.87
CA PRO B 118 27.32 -18.08 -25.06
C PRO B 118 26.02 -17.73 -24.36
N ASP B 119 25.09 -18.67 -24.21
CA ASP B 119 23.86 -18.36 -23.48
C ASP B 119 24.06 -18.33 -21.98
N GLY B 120 25.22 -18.78 -21.49
CA GLY B 120 25.59 -18.66 -20.10
C GLY B 120 25.63 -19.97 -19.35
N LYS B 121 25.02 -21.02 -19.88
CA LYS B 121 24.93 -22.28 -19.16
C LYS B 121 26.32 -22.88 -18.98
N PRO B 122 26.66 -23.35 -17.78
CA PRO B 122 28.01 -23.86 -17.54
C PRO B 122 28.15 -25.33 -17.89
N PHE B 123 29.40 -25.72 -18.15
CA PHE B 123 29.71 -27.11 -18.48
C PHE B 123 30.96 -27.64 -17.81
N TRP B 124 31.80 -26.79 -17.23
CA TRP B 124 32.96 -27.26 -16.47
C TRP B 124 33.40 -26.15 -15.53
N GLY B 125 33.78 -26.53 -14.31
CA GLY B 125 34.21 -25.57 -13.32
C GLY B 125 35.21 -26.16 -12.36
N GLY B 126 35.75 -25.29 -11.52
CA GLY B 126 36.71 -25.70 -10.51
C GLY B 126 37.00 -24.58 -9.55
N THR B 127 37.48 -24.94 -8.36
CA THR B 127 37.81 -23.96 -7.34
C THR B 127 39.00 -23.14 -7.79
N TYR B 128 40.20 -23.52 -7.34
CA TYR B 128 41.44 -22.91 -7.80
C TYR B 128 42.07 -23.80 -8.86
N ILE B 129 42.51 -23.21 -9.95
CA ILE B 129 43.19 -23.94 -11.02
C ILE B 129 44.69 -23.69 -10.88
N PRO B 130 45.51 -24.74 -10.72
CA PRO B 130 46.97 -24.62 -10.64
C PRO B 130 47.63 -24.48 -12.01
N GLY B 139 46.91 -28.92 -14.79
CA GLY B 139 47.48 -27.72 -15.37
C GLY B 139 46.44 -26.71 -15.80
N PHE B 140 46.57 -25.48 -15.31
CA PHE B 140 45.61 -24.43 -15.64
C PHE B 140 45.60 -24.14 -17.14
N VAL B 141 46.77 -23.78 -17.69
CA VAL B 141 46.84 -23.48 -19.12
C VAL B 141 46.52 -24.73 -19.93
N ASP B 142 46.85 -25.91 -19.41
CA ASP B 142 46.49 -27.16 -20.08
C ASP B 142 45.00 -27.22 -20.35
N ILE B 143 44.18 -26.89 -19.35
CA ILE B 143 42.74 -26.84 -19.56
C ILE B 143 42.35 -25.59 -20.32
N LEU B 144 43.03 -24.47 -20.05
CA LEU B 144 42.73 -23.20 -20.74
C LEU B 144 42.71 -23.37 -22.25
N HIS B 145 43.51 -24.30 -22.77
CA HIS B 145 43.46 -24.70 -24.17
C HIS B 145 42.57 -25.92 -24.39
N ALA B 146 42.50 -26.83 -23.42
CA ALA B 146 41.73 -28.05 -23.61
C ALA B 146 40.25 -27.74 -23.78
N VAL B 147 39.73 -26.75 -23.05
CA VAL B 147 38.33 -26.38 -23.23
C VAL B 147 38.14 -25.74 -24.60
N ASN B 148 39.12 -24.95 -25.04
CA ASN B 148 39.04 -24.37 -26.37
C ASN B 148 39.05 -25.45 -27.44
N ASN B 149 39.86 -26.50 -27.23
CA ASN B 149 39.79 -27.67 -28.09
C ASN B 149 38.43 -28.33 -28.00
N LEU B 150 37.95 -28.58 -26.78
CA LEU B 150 36.64 -29.19 -26.59
C LEU B 150 35.53 -28.30 -27.11
N TRP B 151 35.72 -26.98 -27.03
CA TRP B 151 34.72 -26.06 -27.57
C TRP B 151 34.56 -26.23 -29.07
N HIS B 152 35.63 -26.61 -29.76
CA HIS B 152 35.60 -26.86 -31.20
C HIS B 152 35.46 -28.34 -31.54
N ARG B 153 36.09 -29.22 -30.78
CA ARG B 153 36.02 -30.65 -31.10
C ARG B 153 34.71 -31.28 -30.66
N ASP B 154 34.11 -30.80 -29.56
CA ASP B 154 32.92 -31.40 -28.99
C ASP B 154 31.89 -30.33 -28.67
N LYS B 155 31.25 -29.79 -29.71
CA LYS B 155 30.03 -29.01 -29.50
C LYS B 155 28.89 -29.92 -29.05
N ASP B 156 28.90 -31.18 -29.48
CA ASP B 156 27.85 -32.11 -29.10
C ASP B 156 27.95 -32.53 -27.65
N LYS B 157 29.17 -32.63 -27.12
CA LYS B 157 29.35 -33.05 -25.73
C LYS B 157 28.93 -31.96 -24.76
N ILE B 158 29.22 -30.70 -25.08
CA ILE B 158 28.93 -29.60 -24.17
C ILE B 158 27.42 -29.38 -24.05
N ASN B 159 26.72 -29.36 -25.19
CA ASN B 159 25.27 -29.16 -25.16
C ASN B 159 24.57 -30.27 -24.38
N HIS B 160 25.07 -31.51 -24.49
CA HIS B 160 24.53 -32.59 -23.69
C HIS B 160 24.82 -32.39 -22.21
N ASN B 161 26.00 -31.85 -21.89
CA ASN B 161 26.43 -31.72 -20.50
C ASN B 161 25.96 -30.42 -19.85
N ALA B 162 25.84 -29.34 -20.62
CA ALA B 162 25.45 -28.05 -20.04
C ALA B 162 23.97 -28.07 -19.64
N GLU B 163 23.10 -28.56 -20.53
CA GLU B 163 21.67 -28.57 -20.24
C GLU B 163 21.29 -29.63 -19.21
N ALA B 164 22.18 -30.59 -18.92
CA ALA B 164 21.91 -31.56 -17.87
C ALA B 164 22.12 -30.95 -16.50
N VAL B 165 23.22 -30.22 -16.31
CA VAL B 165 23.44 -29.52 -15.05
C VAL B 165 22.44 -28.39 -14.88
N PHE B 166 22.05 -27.74 -15.98
CA PHE B 166 21.14 -26.60 -15.89
C PHE B 166 19.76 -27.04 -15.42
N ASP B 167 19.25 -28.16 -15.93
CA ASP B 167 17.95 -28.65 -15.47
C ASP B 167 17.99 -29.01 -13.99
N HIS B 168 19.15 -29.44 -13.49
CA HIS B 168 19.28 -29.69 -12.06
C HIS B 168 19.24 -28.39 -11.27
N LEU B 169 19.76 -27.30 -11.84
CA LEU B 169 19.71 -26.01 -11.17
C LEU B 169 18.29 -25.44 -11.17
N GLU B 170 17.63 -25.50 -12.34
CA GLU B 170 16.29 -24.92 -12.45
C GLU B 170 15.30 -25.62 -11.52
N GLY B 171 15.58 -26.88 -11.18
CA GLY B 171 14.73 -27.63 -10.28
C GLY B 171 15.12 -27.49 -8.82
N ARG B 172 16.37 -27.08 -8.58
CA ARG B 172 16.86 -26.91 -7.22
C ARG B 172 16.77 -25.48 -6.71
N LEU B 173 16.82 -24.49 -7.61
CA LEU B 173 16.85 -23.09 -7.21
C LEU B 173 15.66 -22.27 -7.68
N ALA B 174 14.88 -22.76 -8.64
CA ALA B 174 13.77 -21.99 -9.21
C ALA B 174 12.59 -22.90 -9.53
N ALA B 175 12.31 -23.86 -8.65
CA ALA B 175 11.16 -24.75 -8.80
C ALA B 175 10.32 -24.65 -7.54
N GLN B 176 9.12 -24.09 -7.66
CA GLN B 176 8.22 -24.00 -6.52
C GLN B 176 7.69 -25.38 -6.14
N SER B 177 7.39 -25.54 -4.86
CA SER B 177 6.88 -26.80 -4.33
C SER B 177 5.43 -26.61 -3.90
N GLN B 178 4.81 -27.73 -3.51
CA GLN B 178 3.45 -27.69 -3.01
C GLN B 178 3.43 -26.97 -1.66
N PRO B 179 2.37 -26.21 -1.37
CA PRO B 179 2.35 -25.43 -0.11
C PRO B 179 2.38 -26.34 1.11
N LEU B 180 3.08 -25.89 2.15
CA LEU B 180 3.27 -26.65 3.37
C LEU B 180 2.67 -25.90 4.54
N GLN B 181 1.94 -26.62 5.38
CA GLN B 181 1.26 -26.01 6.52
C GLN B 181 2.28 -25.58 7.58
N ASN B 182 2.15 -24.33 8.05
CA ASN B 182 3.06 -23.81 9.05
C ASN B 182 2.73 -24.41 10.42
N GLU B 183 3.67 -25.15 10.99
CA GLU B 183 3.45 -25.85 12.24
C GLU B 183 4.56 -25.50 13.24
N ILE B 184 4.19 -25.55 14.53
CA ILE B 184 5.12 -25.17 15.58
C ILE B 184 6.17 -26.27 15.78
N SER B 185 5.74 -27.53 15.72
CA SER B 185 6.64 -28.65 15.99
C SER B 185 7.83 -28.69 15.04
N ARG B 186 7.70 -28.10 13.86
CA ARG B 186 8.82 -28.07 12.92
C ARG B 186 9.96 -27.20 13.46
N PHE B 187 9.62 -26.10 14.13
CA PHE B 187 10.65 -25.23 14.69
C PHE B 187 11.26 -25.80 15.95
N ASP B 188 10.42 -26.34 16.85
CA ASP B 188 10.95 -26.93 18.08
C ASP B 188 11.89 -28.09 17.77
N ASP B 189 11.61 -28.84 16.71
CA ASP B 189 12.51 -29.89 16.29
C ASP B 189 13.84 -29.31 15.80
N LEU B 190 13.77 -28.23 15.03
CA LEU B 190 15.00 -27.59 14.54
C LEU B 190 15.84 -27.05 15.68
N ALA B 191 15.20 -26.50 16.71
CA ALA B 191 15.94 -25.91 17.82
C ALA B 191 16.67 -26.99 18.62
N ASN B 192 16.07 -28.16 18.77
CA ASN B 192 16.70 -29.23 19.53
C ASN B 192 18.00 -29.69 18.87
N ARG B 193 18.00 -29.79 17.54
CA ARG B 193 19.18 -30.29 16.84
C ARG B 193 20.26 -29.22 16.73
N ILE B 194 19.87 -27.95 16.59
CA ILE B 194 20.84 -26.86 16.61
C ILE B 194 21.47 -26.75 17.99
N GLY B 195 20.68 -26.99 19.03
CA GLY B 195 21.23 -26.96 20.38
C GLY B 195 22.24 -28.07 20.64
N SER B 196 22.02 -29.23 20.04
CA SER B 196 22.94 -30.35 20.21
C SER B 196 24.29 -30.13 19.54
N LEU B 197 24.41 -29.13 18.67
CA LEU B 197 25.66 -28.82 18.01
C LEU B 197 26.48 -27.77 18.76
N ILE B 198 25.94 -27.18 19.82
CA ILE B 198 26.65 -26.15 20.56
C ILE B 198 27.75 -26.80 21.39
N ASP B 199 28.94 -26.21 21.33
CA ASP B 199 30.05 -26.68 22.16
C ASP B 199 29.76 -26.31 23.61
N PRO B 200 29.65 -27.29 24.51
CA PRO B 200 29.17 -26.97 25.87
C PRO B 200 30.09 -26.08 26.68
N GLN B 201 31.36 -25.94 26.29
CA GLN B 201 32.31 -25.19 27.08
C GLN B 201 32.88 -23.97 26.36
N ARG B 202 33.15 -24.08 25.04
CA ARG B 202 33.71 -22.96 24.30
C ARG B 202 32.63 -22.09 23.66
N GLY B 203 31.52 -22.68 23.26
CA GLY B 203 30.44 -21.92 22.64
C GLY B 203 30.46 -22.03 21.13
N GLY B 204 29.28 -22.02 20.52
CA GLY B 204 29.15 -22.11 19.08
C GLY B 204 29.10 -23.55 18.59
N ILE B 205 29.00 -23.67 17.27
CA ILE B 205 28.96 -24.98 16.64
C ILE B 205 30.30 -25.67 16.85
N GLU B 206 30.27 -26.84 17.49
CA GLU B 206 31.49 -27.46 18.01
C GLU B 206 32.51 -27.74 16.92
N GLY B 207 32.13 -27.68 15.65
CA GLY B 207 33.08 -27.90 14.58
C GLY B 207 34.03 -26.73 14.40
N VAL B 208 35.18 -27.04 13.79
CA VAL B 208 36.19 -26.03 13.48
C VAL B 208 36.29 -25.92 11.97
N PRO B 209 36.38 -24.70 11.40
CA PRO B 209 36.44 -23.38 12.05
C PRO B 209 35.15 -22.94 12.73
N LYS B 210 35.27 -21.96 13.62
CA LYS B 210 34.14 -21.41 14.36
C LYS B 210 33.62 -20.16 13.64
N PHE B 211 32.34 -20.20 13.26
CA PHE B 211 31.69 -19.03 12.68
C PHE B 211 30.66 -18.47 13.66
N PRO B 212 30.40 -17.16 13.62
CA PRO B 212 29.36 -16.60 14.49
C PRO B 212 27.99 -17.21 14.25
N ASN B 213 27.67 -17.54 12.98
CA ASN B 213 26.46 -18.26 12.61
C ASN B 213 25.21 -17.54 13.14
N ALA B 214 24.97 -16.37 12.53
CA ALA B 214 23.79 -15.57 12.91
C ALA B 214 22.48 -16.32 12.75
N PRO B 215 22.22 -17.09 11.68
CA PRO B 215 20.97 -17.85 11.63
C PRO B 215 20.85 -18.90 12.72
N PHE B 216 21.93 -19.61 13.02
CA PHE B 216 21.90 -20.63 14.07
C PHE B 216 21.58 -20.02 15.43
N ASP B 218 19.76 -17.24 15.91
CA ASP B 218 18.38 -16.79 15.88
C ASP B 218 17.43 -17.89 16.34
N THR B 219 17.71 -19.15 15.94
CA THR B 219 16.86 -20.25 16.33
C THR B 219 16.91 -20.47 17.84
N LEU B 220 18.10 -20.40 18.44
CA LEU B 220 18.22 -20.60 19.87
C LEU B 220 17.51 -19.51 20.65
N TRP B 221 17.66 -18.25 20.21
CA TRP B 221 17.00 -17.15 20.91
C TRP B 221 15.48 -17.22 20.72
N LEU B 222 15.03 -17.51 19.50
CA LEU B 222 13.60 -17.69 19.28
C LEU B 222 13.07 -18.89 20.05
N SER B 223 13.88 -19.92 20.25
CA SER B 223 13.47 -21.04 21.09
C SER B 223 13.33 -20.61 22.54
N TRP B 224 14.22 -19.75 23.01
CA TRP B 224 14.14 -19.27 24.39
C TRP B 224 12.94 -18.36 24.61
N LEU B 225 12.54 -17.60 23.59
CA LEU B 225 11.43 -16.67 23.77
C LEU B 225 10.08 -17.39 23.68
N TYR B 226 9.90 -18.23 22.66
CA TYR B 226 8.62 -18.88 22.45
C TYR B 226 8.40 -20.06 23.40
N ARG B 227 9.47 -20.74 23.80
CA ARG B 227 9.35 -21.95 24.61
C ARG B 227 9.88 -21.79 26.03
N HIS B 228 10.59 -20.69 26.33
CA HIS B 228 11.25 -20.50 27.62
C HIS B 228 12.20 -21.65 27.91
N ASN B 229 12.75 -22.25 26.85
CA ASN B 229 13.74 -23.31 26.95
C ASN B 229 15.06 -22.69 27.42
N GLU B 230 15.38 -22.88 28.69
CA GLU B 230 16.56 -22.24 29.27
C GLU B 230 17.86 -22.85 28.77
N THR B 231 17.83 -24.09 28.27
CA THR B 231 19.04 -24.71 27.75
C THR B 231 19.54 -23.96 26.51
N HIS B 232 18.65 -23.73 25.54
CA HIS B 232 19.04 -23.00 24.34
C HIS B 232 19.38 -21.55 24.65
N ARG B 233 18.72 -20.96 25.66
CA ARG B 233 19.06 -19.61 26.08
C ARG B 233 20.49 -19.54 26.58
N ASP B 234 20.92 -20.54 27.36
CA ASP B 234 22.29 -20.56 27.84
C ASP B 234 23.28 -20.89 26.72
N ASN B 235 22.84 -21.66 25.72
CA ASN B 235 23.69 -21.90 24.55
C ASN B 235 23.90 -20.61 23.76
N PHE B 236 22.86 -19.80 23.64
CA PHE B 236 22.98 -18.52 22.95
C PHE B 236 23.91 -17.58 23.70
N LEU B 237 23.78 -17.51 25.02
CA LEU B 237 24.57 -16.57 25.81
C LEU B 237 26.03 -17.00 25.88
N LEU B 238 26.29 -18.30 26.10
CA LEU B 238 27.67 -18.77 26.18
C LEU B 238 28.39 -18.58 24.85
N SER B 239 27.71 -18.86 23.74
CA SER B 239 28.34 -18.70 22.42
C SER B 239 28.61 -17.23 22.11
N LEU B 240 27.67 -16.35 22.45
CA LEU B 240 27.85 -14.94 22.14
C LEU B 240 28.87 -14.28 23.05
N LYS B 241 28.84 -14.60 24.35
CA LYS B 241 29.72 -13.94 25.30
C LYS B 241 31.16 -14.38 25.12
N THR B 242 31.39 -15.69 24.95
CA THR B 242 32.76 -16.18 24.80
C THR B 242 33.40 -15.67 23.52
N LEU B 244 32.76 -12.76 21.95
CA LEU B 244 33.10 -11.35 22.15
C LEU B 244 34.27 -11.14 23.11
N GLN B 245 34.70 -12.20 23.81
CA GLN B 245 35.87 -12.12 24.69
C GLN B 245 37.13 -12.64 24.03
N GLY B 246 37.03 -13.37 22.92
CA GLY B 246 38.18 -13.99 22.29
C GLY B 246 38.93 -13.03 21.39
N GLY B 247 39.98 -13.58 20.77
CA GLY B 247 40.78 -12.82 19.83
C GLY B 247 40.08 -12.46 18.54
N ILE B 248 38.91 -13.05 18.28
CA ILE B 248 38.13 -12.68 17.10
C ILE B 248 37.59 -11.27 17.22
N TYR B 249 37.50 -10.73 18.44
CA TYR B 249 37.08 -9.35 18.67
C TYR B 249 38.29 -8.47 18.91
N ASP B 250 38.26 -7.27 18.35
CA ASP B 250 39.34 -6.29 18.53
C ASP B 250 39.11 -5.55 19.85
N HIS B 251 39.84 -5.95 20.88
CA HIS B 251 39.67 -5.35 22.21
C HIS B 251 40.25 -3.94 22.31
N LEU B 252 40.99 -3.49 21.31
CA LEU B 252 41.61 -2.17 21.31
C LEU B 252 40.75 -1.12 20.61
N GLY B 253 40.31 -1.39 19.39
CA GLY B 253 39.52 -0.42 18.65
C GLY B 253 38.05 -0.74 18.57
N GLY B 254 37.71 -2.03 18.54
CA GLY B 254 36.35 -2.47 18.44
C GLY B 254 36.05 -3.11 17.10
N GLY B 255 34.98 -3.91 17.08
CA GLY B 255 34.57 -4.58 15.87
C GLY B 255 34.90 -6.07 15.87
N LEU B 256 33.98 -6.88 15.35
CA LEU B 256 34.16 -8.32 15.30
C LEU B 256 34.73 -8.73 13.94
N CYS B 257 35.56 -9.77 13.97
CA CYS B 257 36.13 -10.32 12.75
C CYS B 257 35.18 -11.35 12.14
N ARG B 258 35.62 -11.98 11.05
CA ARG B 258 34.73 -12.86 10.30
C ARG B 258 34.52 -14.19 11.01
N TYR B 259 35.59 -14.92 11.27
CA TYR B 259 35.47 -16.23 11.91
C TYR B 259 36.78 -16.56 12.62
N SER B 260 36.75 -17.66 13.36
CA SER B 260 37.89 -18.11 14.16
C SER B 260 38.51 -19.36 13.56
N THR B 261 39.83 -19.46 13.65
CA THR B 261 40.54 -20.61 13.11
C THR B 261 40.46 -21.82 14.02
N ASP B 262 40.56 -21.60 15.33
CA ASP B 262 40.48 -22.67 16.31
C ASP B 262 39.14 -22.61 17.05
N ALA B 263 38.86 -23.66 17.81
CA ALA B 263 37.60 -23.77 18.53
C ALA B 263 37.56 -22.91 19.79
N GLU B 264 38.70 -22.37 20.23
CA GLU B 264 38.75 -21.54 21.44
C GLU B 264 38.50 -20.07 21.17
N TRP B 265 38.05 -19.71 19.96
CA TRP B 265 37.80 -18.32 19.58
C TRP B 265 39.05 -17.45 19.68
N LEU B 266 40.22 -18.06 19.51
CA LEU B 266 41.49 -17.35 19.73
C LEU B 266 42.02 -16.70 18.46
N VAL B 267 42.59 -17.51 17.56
CA VAL B 267 43.22 -17.00 16.36
C VAL B 267 42.16 -16.78 15.29
N PRO B 268 41.97 -15.56 14.78
CA PRO B 268 40.89 -15.33 13.83
C PRO B 268 41.38 -15.00 12.42
N HIS B 269 40.44 -14.69 11.54
CA HIS B 269 40.71 -14.03 10.28
C HIS B 269 40.43 -12.54 10.48
N PHE B 270 41.48 -11.72 10.43
CA PHE B 270 41.41 -10.33 10.86
C PHE B 270 40.57 -9.43 9.95
N GLU B 271 39.83 -9.94 8.96
CA GLU B 271 38.94 -9.08 8.20
C GLU B 271 37.68 -8.80 9.01
N LYS B 272 37.15 -7.58 8.87
CA LYS B 272 35.99 -7.13 9.62
C LYS B 272 34.85 -6.87 8.65
N LEU B 274 30.87 -5.94 7.67
CA LEU B 274 29.83 -5.07 8.24
C LEU B 274 28.66 -5.90 8.77
N TYR B 275 28.28 -6.96 8.06
CA TYR B 275 27.09 -7.71 8.46
C TYR B 275 27.31 -8.45 9.77
N ASP B 276 28.52 -8.99 9.99
CA ASP B 276 28.79 -9.70 11.24
C ASP B 276 28.76 -8.76 12.44
N ASN B 277 29.18 -7.50 12.25
CA ASN B 277 29.13 -6.55 13.36
C ASN B 277 27.70 -6.07 13.62
N ALA B 278 26.92 -5.89 12.56
CA ALA B 278 25.53 -5.45 12.74
C ALA B 278 24.68 -6.55 13.38
N GLN B 279 24.94 -7.80 13.01
CA GLN B 279 24.13 -8.92 13.50
C GLN B 279 24.44 -9.28 14.96
N PHE B 280 25.64 -9.00 15.45
CA PHE B 280 25.91 -9.29 16.85
C PHE B 280 25.46 -8.15 17.77
N ILE B 281 25.42 -6.92 17.25
CA ILE B 281 24.89 -5.81 18.04
C ILE B 281 23.44 -6.07 18.41
N ARG B 282 22.65 -6.61 17.46
CA ARG B 282 21.28 -7.02 17.77
C ARG B 282 21.27 -8.14 18.79
N HIS B 283 22.15 -9.14 18.62
CA HIS B 283 22.20 -10.25 19.56
C HIS B 283 22.62 -9.80 20.95
N ALA B 284 23.67 -8.97 21.02
CA ALA B 284 24.13 -8.46 22.31
C ALA B 284 23.09 -7.55 22.94
N ASN B 285 22.32 -6.82 22.13
CA ASN B 285 21.26 -5.97 22.66
C ASN B 285 20.19 -6.81 23.35
N TYR B 286 19.70 -7.86 22.67
CA TYR B 286 18.72 -8.75 23.28
C TYR B 286 19.32 -9.46 24.49
N ALA B 287 20.61 -9.81 24.42
CA ALA B 287 21.24 -10.55 25.52
C ALA B 287 21.37 -9.70 26.77
N PHE B 288 21.55 -8.38 26.63
CA PHE B 288 21.65 -7.52 27.79
C PHE B 288 20.34 -7.46 28.56
N ALA B 289 19.21 -7.46 27.83
CA ALA B 289 17.90 -7.35 28.48
C ALA B 289 17.55 -8.56 29.32
N GLU B 290 18.23 -9.69 29.11
CA GLU B 290 17.96 -10.91 29.88
C GLU B 290 18.91 -11.09 31.06
N THR B 291 20.19 -10.80 30.88
CA THR B 291 21.19 -11.02 31.92
C THR B 291 21.62 -9.76 32.66
N GLY B 292 21.56 -8.61 32.00
CA GLY B 292 22.12 -7.41 32.58
C GLY B 292 23.63 -7.40 32.63
N ASP B 293 24.28 -8.36 31.98
CA ASP B 293 25.74 -8.41 31.97
C ASP B 293 26.29 -7.20 31.23
N ASP B 294 27.19 -6.46 31.90
CA ASP B 294 27.70 -5.23 31.35
C ASP B 294 28.58 -5.45 30.13
N LEU B 295 29.05 -6.68 29.91
CA LEU B 295 29.93 -6.95 28.77
C LEU B 295 29.20 -6.71 27.44
N PHE B 296 27.92 -7.06 27.38
CA PHE B 296 27.16 -6.86 26.14
C PHE B 296 27.08 -5.39 25.77
N ARG B 297 26.89 -4.52 26.76
CA ARG B 297 26.80 -3.08 26.49
C ARG B 297 28.14 -2.52 26.04
N ILE B 298 29.24 -2.97 26.68
CA ILE B 298 30.55 -2.45 26.33
C ILE B 298 30.92 -2.83 24.90
N ARG B 299 30.66 -4.08 24.52
CA ARG B 299 30.98 -4.52 23.17
C ARG B 299 30.17 -3.75 22.13
N ILE B 300 28.90 -3.49 22.42
CA ILE B 300 28.07 -2.68 21.52
C ILE B 300 28.64 -1.28 21.40
N GLU B 301 28.94 -0.65 22.54
CA GLU B 301 29.42 0.72 22.53
C GLU B 301 30.78 0.85 21.86
N GLU B 302 31.65 -0.14 22.04
CA GLU B 302 32.96 -0.11 21.39
C GLU B 302 32.84 -0.33 19.89
N THR B 303 31.96 -1.24 19.47
CA THR B 303 31.84 -1.53 18.05
C THR B 303 31.15 -0.40 17.30
N VAL B 304 30.18 0.27 17.93
CA VAL B 304 29.52 1.39 17.28
C VAL B 304 30.48 2.55 17.08
N ASP B 305 31.32 2.82 18.08
CA ASP B 305 32.35 3.85 17.91
C ASP B 305 33.32 3.48 16.80
N TRP B 306 33.63 2.20 16.65
CA TRP B 306 34.51 1.77 15.57
C TRP B 306 33.83 1.91 14.22
N LEU B 307 32.52 1.64 14.15
CA LEU B 307 31.79 1.75 12.90
C LEU B 307 31.78 3.19 12.39
N ILE B 308 31.52 4.15 13.29
CA ILE B 308 31.49 5.54 12.90
C ILE B 308 32.88 6.03 12.53
N ARG B 309 33.91 5.54 13.24
CA ARG B 309 35.25 6.07 13.05
C ARG B 309 35.90 5.53 11.78
N GLU B 310 35.64 4.26 11.44
CA GLU B 310 36.39 3.59 10.38
C GLU B 310 35.53 3.07 9.24
N GLN B 312 32.15 4.44 8.43
CA GLN B 312 31.23 5.44 7.90
C GLN B 312 31.92 6.30 6.86
N LEU B 313 31.25 6.51 5.73
CA LEU B 313 31.78 7.27 4.62
C LEU B 313 31.47 8.75 4.79
N PRO B 314 32.12 9.62 4.00
CA PRO B 314 31.79 11.06 4.05
C PRO B 314 30.30 11.37 3.93
N ASP B 315 29.53 10.53 3.24
CA ASP B 315 28.11 10.80 3.02
C ASP B 315 27.23 10.17 4.09
N GLY B 316 27.79 9.37 5.01
CA GLY B 316 27.05 8.77 6.09
C GLY B 316 26.83 7.28 5.95
N CYS B 317 26.78 6.78 4.71
CA CYS B 317 26.63 5.36 4.48
C CYS B 317 27.89 4.61 4.95
N PHE B 318 27.71 3.33 5.26
CA PHE B 318 28.77 2.51 5.82
C PHE B 318 29.45 1.69 4.74
N ALA B 319 30.77 1.58 4.83
CA ALA B 319 31.53 0.77 3.90
C ALA B 319 31.30 -0.71 4.17
N SER B 320 31.73 -1.55 3.24
CA SER B 320 31.48 -2.98 3.33
C SER B 320 32.40 -3.65 4.34
N SER B 321 33.71 -3.56 4.13
CA SER B 321 34.66 -4.25 5.00
C SER B 321 36.04 -3.64 4.80
N LEU B 322 36.94 -3.98 5.71
CA LEU B 322 38.34 -3.60 5.61
C LEU B 322 39.20 -4.86 5.55
N ASP B 323 40.35 -4.73 4.89
CA ASP B 323 41.17 -5.89 4.57
C ASP B 323 41.78 -6.50 5.82
N ALA B 324 42.02 -7.82 5.75
CA ALA B 324 42.72 -8.55 6.80
C ALA B 324 44.23 -8.48 6.66
N ASP B 325 44.74 -8.20 5.47
CA ASP B 325 46.17 -8.11 5.23
C ASP B 325 46.60 -6.65 5.21
N SER B 326 47.69 -6.36 5.91
CA SER B 326 48.30 -5.05 5.89
C SER B 326 49.79 -5.20 5.56
N GLU B 327 50.28 -4.32 4.69
CA GLU B 327 51.64 -4.31 4.17
C GLU B 327 52.18 -5.71 3.84
N GLY B 328 51.30 -6.61 3.43
CA GLY B 328 51.71 -7.89 2.87
C GLY B 328 51.65 -9.08 3.80
N GLU B 329 51.24 -8.90 5.05
CA GLU B 329 51.16 -10.00 6.01
C GLU B 329 49.81 -10.01 6.69
N GLU B 330 49.33 -11.22 7.00
CA GLU B 330 47.99 -11.41 7.55
C GLU B 330 47.93 -10.83 8.96
N GLY B 331 47.12 -9.79 9.14
CA GLY B 331 46.89 -9.24 10.46
C GLY B 331 48.06 -8.50 11.06
N LYS B 332 48.96 -7.97 10.23
CA LYS B 332 50.11 -7.23 10.77
C LYS B 332 49.66 -5.99 11.53
N PHE B 333 48.47 -5.47 11.21
CA PHE B 333 48.01 -4.22 11.81
C PHE B 333 47.46 -4.42 13.22
N TYR B 334 46.96 -5.61 13.54
CA TYR B 334 46.22 -5.82 14.79
C TYR B 334 47.03 -6.54 15.86
N VAL B 335 48.19 -7.09 15.54
CA VAL B 335 48.94 -7.92 16.47
C VAL B 335 50.14 -7.15 17.00
N TRP B 336 50.52 -7.45 18.24
CA TRP B 336 51.60 -6.75 18.92
C TRP B 336 52.62 -7.75 19.45
N THR B 337 53.83 -7.26 19.66
CA THR B 337 54.86 -7.95 20.43
C THR B 337 55.10 -7.16 21.72
N GLU B 338 55.63 -7.85 22.73
CA GLU B 338 55.78 -7.24 24.05
C GLU B 338 56.80 -6.09 24.02
N ASP B 339 57.84 -6.21 23.20
CA ASP B 339 58.89 -5.20 23.19
C ASP B 339 58.41 -3.86 22.62
N GLU B 340 57.30 -3.84 21.89
CA GLU B 340 56.80 -2.59 21.33
C GLU B 340 55.77 -1.93 22.24
N ILE B 341 54.91 -2.71 22.89
CA ILE B 341 53.92 -2.13 23.80
C ILE B 341 54.59 -1.60 25.07
N ASP B 342 55.77 -2.10 25.42
CA ASP B 342 56.50 -1.53 26.54
C ASP B 342 57.14 -0.19 26.16
N ALA B 343 57.48 -0.01 24.89
CA ALA B 343 58.14 1.22 24.47
C ALA B 343 57.18 2.40 24.42
N VAL B 344 55.92 2.16 24.09
CA VAL B 344 54.95 3.25 23.95
C VAL B 344 54.31 3.59 25.29
N LEU B 345 53.89 2.58 26.05
CA LEU B 345 53.18 2.82 27.30
C LEU B 345 54.11 3.33 28.40
N GLY B 346 55.22 2.67 28.62
CA GLY B 346 56.17 3.10 29.65
C GLY B 346 55.90 2.40 30.98
N THR B 347 55.64 3.19 32.02
CA THR B 347 55.38 2.63 33.34
C THR B 347 54.01 1.96 33.43
N ASP B 348 53.08 2.34 32.55
CA ASP B 348 51.74 1.75 32.53
C ASP B 348 51.66 0.51 31.65
N ALA B 349 52.80 -0.05 31.24
CA ALA B 349 52.80 -1.20 30.36
C ALA B 349 52.61 -2.52 31.09
N GLU B 350 52.84 -2.56 32.41
CA GLU B 350 52.73 -3.81 33.14
C GLU B 350 51.27 -4.24 33.31
N VAL B 351 50.40 -3.29 33.65
CA VAL B 351 48.99 -3.62 33.88
C VAL B 351 48.28 -3.92 32.57
N PHE B 352 48.71 -3.31 31.46
CA PHE B 352 48.09 -3.58 30.18
C PHE B 352 48.33 -5.03 29.74
N LYS B 353 49.57 -5.52 29.91
CA LYS B 353 49.89 -6.89 29.50
C LYS B 353 49.18 -7.91 30.38
N THR B 354 48.95 -7.58 31.65
CA THR B 354 48.20 -8.47 32.54
C THR B 354 46.72 -8.52 32.18
N PHE B 355 46.26 -7.64 31.29
CA PHE B 355 44.85 -7.56 30.93
C PHE B 355 44.52 -8.41 29.70
N TYR B 356 45.42 -8.43 28.71
CA TYR B 356 45.13 -9.06 27.43
C TYR B 356 46.03 -10.27 27.17
N ALA B 357 46.49 -10.93 28.23
CA ALA B 357 47.22 -12.20 28.13
C ALA B 357 48.46 -12.07 27.26
N VAL B 358 49.15 -10.94 27.37
CA VAL B 358 50.38 -10.74 26.61
C VAL B 358 51.48 -11.62 27.19
N THR B 359 52.22 -12.31 26.32
CA THR B 359 53.25 -13.26 26.71
C THR B 359 54.47 -13.05 25.84
N PRO B 360 55.67 -13.09 26.41
CA PRO B 360 56.89 -12.99 25.58
C PRO B 360 56.91 -13.96 24.40
N GLY B 361 56.48 -15.20 24.62
CA GLY B 361 56.41 -16.16 23.52
C GLY B 361 55.25 -15.93 22.58
N GLY B 362 54.19 -15.27 23.04
CA GLY B 362 53.04 -15.00 22.21
C GLY B 362 52.12 -16.21 22.07
N ASN B 363 50.95 -15.96 21.49
CA ASN B 363 49.94 -17.00 21.30
C ASN B 363 49.64 -17.28 19.83
N TRP B 364 50.28 -16.57 18.90
CA TRP B 364 50.05 -16.82 17.47
C TRP B 364 51.33 -16.49 16.72
N GLU B 365 52.04 -17.53 16.26
CA GLU B 365 53.24 -17.38 15.45
C GLU B 365 54.29 -16.53 16.16
N GLY B 366 54.40 -16.69 17.47
CA GLY B 366 55.32 -15.89 18.26
C GLY B 366 54.81 -14.52 18.62
N LYS B 367 53.71 -14.07 18.02
CA LYS B 367 53.14 -12.76 18.30
C LYS B 367 51.97 -12.89 19.28
N ASN B 368 51.53 -11.74 19.80
CA ASN B 368 50.49 -11.68 20.82
C ASN B 368 49.25 -11.01 20.24
N ILE B 369 48.17 -11.77 20.13
CA ILE B 369 46.85 -11.22 19.79
C ILE B 369 46.09 -10.99 21.10
N LEU B 370 45.53 -9.79 21.25
CA LEU B 370 44.91 -9.41 22.51
C LEU B 370 43.56 -10.09 22.65
N ASN B 371 43.31 -10.62 23.85
CA ASN B 371 42.04 -11.28 24.15
C ASN B 371 41.82 -11.29 25.65
N ARG B 372 40.58 -11.56 26.04
CA ARG B 372 40.18 -11.60 27.45
C ARG B 372 39.59 -12.95 27.83
N LEU B 373 40.07 -14.02 27.19
CA LEU B 373 39.58 -15.37 27.48
C LEU B 373 40.08 -15.92 28.81
N HIS B 374 41.24 -15.45 29.28
CA HIS B 374 41.78 -15.95 30.55
C HIS B 374 40.96 -15.46 31.73
N ALA B 375 40.33 -14.30 31.61
CA ALA B 375 39.50 -13.72 32.67
C ALA B 375 38.15 -13.29 32.08
N ALA B 376 37.44 -14.26 31.49
CA ALA B 376 36.20 -13.94 30.80
C ALA B 376 35.03 -13.72 31.76
N ALA B 377 35.09 -14.29 32.96
CA ALA B 377 34.00 -14.18 33.91
C ALA B 377 34.14 -13.03 34.88
N GLU B 378 35.26 -12.31 34.86
CA GLU B 378 35.50 -11.23 35.79
C GLU B 378 34.92 -9.93 35.23
N THR B 379 35.21 -8.82 35.88
CA THR B 379 34.62 -7.54 35.48
C THR B 379 35.19 -7.10 34.13
N PRO B 380 34.35 -6.71 33.17
CA PRO B 380 34.87 -6.37 31.84
C PRO B 380 35.42 -4.95 31.72
N THR B 381 35.05 -4.04 32.61
CA THR B 381 35.45 -2.65 32.46
C THR B 381 36.92 -2.48 32.85
N PRO B 382 37.71 -1.81 32.02
CA PRO B 382 39.14 -1.63 32.34
C PRO B 382 39.32 -0.63 33.47
N PRO B 383 40.31 -0.84 34.33
CA PRO B 383 40.69 0.19 35.31
C PRO B 383 41.11 1.47 34.61
N PRO B 384 41.02 2.62 35.29
CA PRO B 384 41.27 3.90 34.61
C PRO B 384 42.68 4.04 34.04
N LEU B 385 43.67 3.33 34.59
CA LEU B 385 45.02 3.45 34.06
C LEU B 385 45.21 2.60 32.81
N VAL B 386 44.63 1.40 32.79
CA VAL B 386 44.78 0.54 31.61
C VAL B 386 43.83 0.96 30.50
N GLU B 387 42.79 1.74 30.80
CA GLU B 387 41.95 2.30 29.74
C GLU B 387 42.66 3.43 29.02
N ALA B 388 43.34 4.31 29.77
CA ALA B 388 44.19 5.30 29.14
C ALA B 388 45.35 4.64 28.42
N ALA B 389 45.86 3.53 28.96
CA ALA B 389 46.89 2.78 28.27
C ALA B 389 46.36 2.12 27.02
N ARG B 390 45.10 1.65 27.05
CA ARG B 390 44.50 1.06 25.86
C ARG B 390 44.25 2.12 24.79
N ARG B 391 43.77 3.30 25.21
CA ARG B 391 43.55 4.38 24.26
C ARG B 391 44.86 4.89 23.67
N LYS B 392 45.95 4.85 24.44
CA LYS B 392 47.23 5.34 23.94
C LYS B 392 47.79 4.42 22.86
N LEU B 393 47.59 3.11 23.00
CA LEU B 393 48.07 2.18 21.97
C LEU B 393 47.35 2.41 20.65
N LEU B 394 46.05 2.69 20.69
CA LEU B 394 45.30 2.91 19.47
C LEU B 394 45.82 4.10 18.69
N ALA B 395 46.14 5.20 19.39
CA ALA B 395 46.73 6.36 18.73
C ALA B 395 48.07 6.00 18.10
N HIS B 396 48.85 5.13 18.76
CA HIS B 396 50.09 4.65 18.17
C HIS B 396 49.85 3.60 17.10
N ARG B 397 48.78 2.82 17.22
CA ARG B 397 48.50 1.81 16.20
C ARG B 397 48.00 2.43 14.90
N GLU B 398 47.28 3.55 14.99
CA GLU B 398 46.78 4.21 13.79
C GLU B 398 47.92 4.77 12.93
N THR B 399 49.12 4.91 13.49
CA THR B 399 50.27 5.32 12.70
C THR B 399 50.84 4.19 11.86
N ARG B 400 50.41 2.95 12.08
CA ARG B 400 50.86 1.83 11.27
C ARG B 400 50.28 1.92 9.87
N ILE B 401 50.82 1.11 8.96
CA ILE B 401 50.27 0.96 7.62
C ILE B 401 48.88 0.36 7.75
N ARG B 402 47.87 1.18 7.56
CA ARG B 402 46.48 0.81 7.81
C ARG B 402 45.94 -0.08 6.69
N PRO B 403 45.20 -1.13 7.03
CA PRO B 403 44.66 -2.01 5.99
C PRO B 403 43.64 -1.29 5.11
N GLY B 404 43.62 -1.68 3.84
CA GLY B 404 42.70 -1.08 2.90
C GLY B 404 41.25 -1.36 3.24
N ARG B 405 40.37 -0.53 2.70
CA ARG B 405 38.95 -0.60 2.99
C ARG B 405 38.15 -0.76 1.69
N ASP B 406 37.02 -1.45 1.80
CA ASP B 406 36.09 -1.62 0.69
C ASP B 406 34.98 -0.58 0.86
N ASP B 407 35.13 0.56 0.19
CA ASP B 407 34.18 1.67 0.32
C ASP B 407 32.86 1.39 -0.39
N LYS B 408 32.68 0.21 -0.97
CA LYS B 408 31.42 -0.14 -1.59
C LYS B 408 30.29 -0.13 -0.56
N ALA B 409 29.22 0.59 -0.88
CA ALA B 409 28.10 0.78 0.04
C ALA B 409 26.96 -0.14 -0.40
N LEU B 410 26.88 -1.31 0.21
CA LEU B 410 25.83 -2.27 -0.11
C LEU B 410 24.53 -1.89 0.61
N THR B 411 23.44 -1.82 -0.15
CA THR B 411 22.16 -1.42 0.41
C THR B 411 21.66 -2.44 1.44
N ASP B 412 21.81 -3.73 1.13
N ASP B 412 21.81 -3.73 1.12
CA ASP B 412 21.33 -4.76 2.05
CA ASP B 412 21.35 -4.78 2.03
C ASP B 412 22.15 -4.80 3.33
C ASP B 412 22.15 -4.78 3.33
N TRP B 413 23.47 -4.62 3.23
CA TRP B 413 24.31 -4.61 4.43
C TRP B 413 24.11 -3.35 5.24
N ASN B 414 23.87 -2.21 4.56
CA ASN B 414 23.61 -0.98 5.28
C ASN B 414 22.32 -1.07 6.07
N GLY B 415 21.29 -1.70 5.50
CA GLY B 415 20.03 -1.87 6.22
C GLY B 415 20.19 -2.71 7.48
N LEU B 416 21.09 -3.69 7.45
CA LEU B 416 21.37 -4.47 8.66
C LEU B 416 21.97 -3.59 9.76
N ALA B 417 22.89 -2.71 9.39
CA ALA B 417 23.52 -1.83 10.38
C ALA B 417 22.55 -0.74 10.84
N ILE B 418 21.81 -0.15 9.90
CA ILE B 418 20.83 0.88 10.26
C ILE B 418 19.80 0.32 11.24
N ARG B 419 19.40 -0.94 11.05
CA ARG B 419 18.50 -1.57 12.01
C ARG B 419 19.20 -1.82 13.34
N ALA B 420 20.50 -2.14 13.30
CA ALA B 420 21.23 -2.40 14.53
C ALA B 420 21.39 -1.15 15.37
N LEU B 421 21.74 -0.02 14.74
CA LEU B 421 21.88 1.23 15.48
C LEU B 421 20.54 1.75 15.97
N ALA B 422 19.47 1.51 15.23
CA ALA B 422 18.16 2.02 15.61
C ALA B 422 17.62 1.27 16.83
N GLU B 423 17.80 -0.04 16.88
CA GLU B 423 17.26 -0.82 17.99
C GLU B 423 18.12 -0.68 19.25
N ALA B 424 19.44 -0.76 19.09
CA ALA B 424 20.33 -0.60 20.24
C ALA B 424 20.28 0.82 20.80
N GLY B 425 20.21 1.82 19.91
CA GLY B 425 20.09 3.19 20.38
C GLY B 425 18.77 3.47 21.08
N ARG B 426 17.73 2.71 20.73
CA ARG B 426 16.43 2.89 21.40
C ARG B 426 16.45 2.34 22.82
N SER B 427 17.05 1.15 22.99
CA SER B 427 17.05 0.51 24.30
C SER B 427 18.03 1.15 25.28
N PHE B 428 19.15 1.66 24.79
CA PHE B 428 20.15 2.31 25.64
C PHE B 428 19.99 3.82 25.70
N ALA B 429 18.96 4.38 25.07
CA ALA B 429 18.71 5.82 25.03
C ALA B 429 19.89 6.61 24.48
N ARG B 430 20.74 5.97 23.68
CA ARG B 430 21.89 6.63 23.07
C ARG B 430 21.40 7.37 21.83
N THR B 431 21.14 8.66 21.98
CA THR B 431 20.62 9.46 20.87
C THR B 431 21.64 9.63 19.75
N ASP B 432 22.94 9.49 20.06
CA ASP B 432 23.96 9.63 19.02
C ASP B 432 23.90 8.47 18.02
N TRP B 433 23.57 7.27 18.50
CA TRP B 433 23.48 6.12 17.61
C TRP B 433 22.34 6.27 16.61
N LEU B 434 21.26 6.95 17.01
CA LEU B 434 20.13 7.15 16.09
C LEU B 434 20.50 8.09 14.95
N GLU B 435 21.19 9.18 15.26
CA GLU B 435 21.53 10.17 14.23
C GLU B 435 22.40 9.56 13.14
N HIS B 436 23.37 8.73 13.52
CA HIS B 436 24.20 8.07 12.52
C HIS B 436 23.40 7.04 11.73
N ALA B 437 22.40 6.41 12.36
CA ALA B 437 21.51 5.52 11.63
C ALA B 437 20.68 6.29 10.61
N VAL B 438 20.25 7.50 10.97
CA VAL B 438 19.48 8.32 10.04
C VAL B 438 20.35 8.79 8.88
N GLN B 439 21.60 9.16 9.17
CA GLN B 439 22.51 9.61 8.10
C GLN B 439 22.73 8.51 7.07
N ALA B 440 23.00 7.29 7.53
CA ALA B 440 23.13 6.18 6.61
C ALA B 440 21.81 5.86 5.91
N TYR B 441 20.69 6.13 6.57
CA TYR B 441 19.38 5.89 5.97
C TYR B 441 19.13 6.82 4.80
N GLN B 442 19.28 8.13 5.03
CA GLN B 442 19.06 9.10 3.96
C GLN B 442 20.14 9.03 2.88
N SER B 443 21.32 8.51 3.20
CA SER B 443 22.36 8.34 2.18
C SER B 443 22.03 7.17 1.27
N ILE B 444 21.68 6.03 1.85
CA ILE B 444 21.28 4.87 1.05
C ILE B 444 19.98 5.16 0.31
N GLY B 445 19.01 5.75 0.98
CA GLY B 445 17.75 6.12 0.37
C GLY B 445 17.83 7.20 -0.68
N SER B 446 19.00 7.83 -0.86
CA SER B 446 19.14 8.85 -1.88
C SER B 446 19.18 8.26 -3.28
N SER B 447 19.61 7.01 -3.40
CA SER B 447 19.66 6.34 -4.70
C SER B 447 18.30 5.83 -5.16
N PHE B 448 17.25 6.03 -4.37
CA PHE B 448 15.92 5.56 -4.72
C PHE B 448 15.32 6.53 -5.74
N GLN B 449 15.43 6.16 -7.02
CA GLN B 449 14.91 6.98 -8.10
C GLN B 449 14.19 6.08 -9.08
N ASP B 450 13.13 6.63 -9.71
CA ASP B 450 12.33 5.90 -10.69
C ASP B 450 11.68 4.66 -10.06
N GLY B 451 11.29 4.80 -8.79
CA GLY B 451 10.64 3.72 -8.07
C GLY B 451 11.49 2.50 -7.83
N ARG B 452 12.81 2.66 -7.81
CA ARG B 452 13.73 1.55 -7.56
C ARG B 452 14.95 2.06 -6.83
N ILE B 453 15.61 1.17 -6.10
CA ILE B 453 16.83 1.50 -5.38
C ILE B 453 17.99 0.75 -6.03
N ALA B 454 19.21 1.17 -5.68
CA ALA B 454 20.41 0.51 -6.17
C ALA B 454 20.86 -0.57 -5.19
N HIS B 455 21.73 -1.46 -5.69
CA HIS B 455 22.29 -2.50 -4.83
C HIS B 455 23.53 -2.02 -4.09
N CYS B 456 24.53 -1.55 -4.83
CA CYS B 456 25.75 -1.03 -4.23
C CYS B 456 26.14 0.26 -4.94
N ARG B 457 27.06 0.99 -4.32
CA ARG B 457 27.49 2.28 -4.84
C ARG B 457 28.90 2.59 -4.34
N GLU B 459 32.13 5.72 -5.32
CA GLU B 459 32.71 6.79 -6.14
C GLU B 459 31.71 7.34 -7.14
N GLY B 460 30.44 7.38 -6.77
CA GLY B 460 29.42 7.93 -7.64
C GLY B 460 28.93 7.02 -8.73
N ALA B 461 29.30 5.74 -8.70
CA ALA B 461 28.85 4.75 -9.68
C ALA B 461 27.89 3.79 -9.00
N PHE B 462 26.67 3.69 -9.53
CA PHE B 462 25.62 2.87 -8.96
C PHE B 462 25.41 1.61 -9.78
N LEU B 463 24.99 0.55 -9.10
CA LEU B 463 24.69 -0.73 -9.74
C LEU B 463 23.18 -0.96 -9.70
N TYR B 464 22.56 -1.01 -10.88
CA TYR B 464 21.15 -1.29 -11.04
C TYR B 464 20.96 -2.54 -11.88
N PRO B 465 19.88 -3.31 -11.65
CA PRO B 465 18.88 -3.09 -10.61
C PRO B 465 19.31 -3.68 -9.27
N ALA B 466 18.49 -3.51 -8.24
CA ALA B 466 18.80 -4.01 -6.91
C ALA B 466 18.44 -5.49 -6.81
N LEU B 467 18.55 -6.04 -5.61
CA LEU B 467 18.14 -7.41 -5.32
C LEU B 467 17.05 -7.39 -4.27
N ALA B 468 16.37 -8.53 -4.12
CA ALA B 468 15.26 -8.62 -3.17
C ALA B 468 15.73 -8.40 -1.73
N THR B 469 16.99 -8.74 -1.43
CA THR B 469 17.53 -8.49 -0.10
C THR B 469 17.62 -7.00 0.20
N ASP B 470 17.84 -6.18 -0.84
CA ASP B 470 18.00 -4.75 -0.62
C ASP B 470 16.72 -4.11 -0.11
N TYR B 471 15.57 -4.52 -0.65
CA TYR B 471 14.31 -3.93 -0.22
C TYR B 471 13.87 -4.50 1.13
N ALA B 472 14.09 -5.79 1.36
CA ALA B 472 13.71 -6.39 2.64
C ALA B 472 14.50 -5.77 3.79
N ALA B 473 15.80 -5.52 3.58
CA ALA B 473 16.61 -4.92 4.63
C ALA B 473 16.18 -3.47 4.90
N ILE B 475 13.19 -2.28 4.39
CA ILE B 475 11.89 -2.33 5.05
C ILE B 475 12.06 -2.53 6.54
N ASN B 476 12.96 -3.44 6.93
CA ASN B 476 13.19 -3.70 8.36
C ASN B 476 13.90 -2.52 9.03
N ALA B 477 14.78 -1.83 8.30
CA ALA B 477 15.46 -0.68 8.88
C ALA B 477 14.50 0.50 9.03
N ALA B 478 13.60 0.69 8.06
CA ALA B 478 12.64 1.77 8.14
C ALA B 478 11.67 1.56 9.30
N LEU B 479 11.24 0.32 9.52
CA LEU B 479 10.35 0.04 10.64
C LEU B 479 11.06 0.17 11.97
N ALA B 480 12.35 -0.17 12.02
CA ALA B 480 13.12 0.01 13.25
C ALA B 480 13.30 1.49 13.57
N LEU B 481 13.50 2.32 12.54
CA LEU B 481 13.61 3.76 12.76
C LEU B 481 12.29 4.34 13.26
N TYR B 482 11.17 3.69 12.94
CA TYR B 482 9.89 4.15 13.48
C TYR B 482 9.79 3.84 14.96
N GLU B 483 10.15 2.61 15.37
CA GLU B 483 10.07 2.23 16.77
C GLU B 483 10.93 3.15 17.64
N ALA B 484 12.10 3.54 17.16
CA ALA B 484 12.99 4.38 17.95
C ALA B 484 12.48 5.81 18.02
N THR B 485 11.90 6.31 16.92
CA THR B 485 11.49 7.71 16.84
C THR B 485 9.99 7.89 17.08
N GLY B 486 9.15 7.12 16.40
CA GLY B 486 7.72 7.33 16.42
C GLY B 486 7.20 8.14 15.26
N GLU B 487 8.06 8.60 14.35
CA GLU B 487 7.63 9.34 13.18
C GLU B 487 7.07 8.36 12.15
N PHE B 488 5.80 8.57 11.78
CA PHE B 488 5.12 7.69 10.84
C PHE B 488 5.68 7.78 9.43
N ALA B 489 6.50 8.79 9.12
CA ALA B 489 7.09 8.90 7.80
C ALA B 489 7.98 7.72 7.47
N TYR B 490 8.46 6.98 8.48
CA TYR B 490 9.26 5.79 8.23
C TYR B 490 8.39 4.59 7.85
N ILE B 491 7.14 4.57 8.33
CA ILE B 491 6.22 3.52 7.89
C ILE B 491 5.83 3.73 6.43
N ASP B 492 5.62 4.99 6.03
CA ASP B 492 5.33 5.28 4.63
C ASP B 492 6.52 4.91 3.75
N ASP B 493 7.74 5.13 4.23
CA ASP B 493 8.92 4.66 3.50
C ASP B 493 8.93 3.15 3.38
N ALA B 494 8.52 2.46 4.44
CA ALA B 494 8.49 0.99 4.40
C ALA B 494 7.50 0.48 3.36
N ARG B 495 6.37 1.17 3.20
CA ARG B 495 5.41 0.79 2.16
C ARG B 495 5.93 1.16 0.78
N LYS B 496 6.73 2.22 0.68
CA LYS B 496 7.32 2.59 -0.60
C LYS B 496 8.34 1.55 -1.05
N PHE B 497 9.14 1.03 -0.11
CA PHE B 497 10.06 -0.05 -0.43
C PHE B 497 9.30 -1.33 -0.78
N LYS B 498 8.17 -1.57 -0.11
CA LYS B 498 7.37 -2.74 -0.41
C LYS B 498 6.80 -2.69 -1.83
N ARG B 499 6.32 -1.53 -2.25
CA ARG B 499 5.81 -1.38 -3.61
C ARG B 499 6.91 -1.63 -4.63
N ALA B 500 8.12 -1.09 -4.38
CA ALA B 500 9.22 -1.31 -5.31
C ALA B 500 9.63 -2.78 -5.34
N LEU B 501 9.63 -3.46 -4.18
CA LEU B 501 9.94 -4.88 -4.15
C LEU B 501 8.94 -5.69 -4.96
N ASP B 502 7.67 -5.36 -4.86
CA ASP B 502 6.64 -6.09 -5.61
C ASP B 502 6.79 -5.87 -7.10
N GLY B 503 7.04 -4.63 -7.52
CA GLY B 503 7.07 -4.30 -8.93
C GLY B 503 8.21 -4.91 -9.71
N SER B 504 9.21 -5.48 -9.04
CA SER B 504 10.39 -6.00 -9.72
C SER B 504 10.76 -7.43 -9.35
N HIS B 505 10.20 -7.99 -8.27
CA HIS B 505 10.64 -9.30 -7.81
C HIS B 505 9.50 -10.29 -7.55
N ARG B 506 8.25 -9.88 -7.65
CA ARG B 506 7.12 -10.76 -7.37
C ARG B 506 6.64 -11.40 -8.68
N ASP B 507 6.63 -12.73 -8.72
CA ASP B 507 6.24 -13.46 -9.92
C ASP B 507 4.72 -13.64 -9.95
N SER B 508 4.23 -14.40 -10.94
CA SER B 508 2.79 -14.59 -11.09
C SER B 508 2.20 -15.45 -9.97
N ALA B 509 3.02 -16.25 -9.30
CA ALA B 509 2.56 -17.09 -8.20
C ALA B 509 2.61 -16.39 -6.85
N GLY B 510 3.03 -15.12 -6.82
CA GLY B 510 3.14 -14.38 -5.58
C GLY B 510 4.46 -14.54 -4.86
N ASN B 511 5.34 -15.43 -5.34
CA ASN B 511 6.64 -15.61 -4.72
C ASN B 511 7.59 -14.50 -5.14
N TYR B 512 8.64 -14.31 -4.34
CA TYR B 512 9.67 -13.31 -4.61
C TYR B 512 10.94 -14.01 -5.06
N ARG B 513 11.65 -13.38 -5.99
CA ARG B 513 12.90 -13.92 -6.52
C ARG B 513 14.01 -12.89 -6.35
N LEU B 514 15.22 -13.39 -6.10
CA LEU B 514 16.35 -12.53 -5.74
C LEU B 514 16.64 -11.52 -6.85
N SER B 515 16.91 -12.00 -8.05
CA SER B 515 17.13 -11.12 -9.19
C SER B 515 15.82 -10.54 -9.68
N ALA B 516 15.87 -9.31 -10.17
CA ALA B 516 14.70 -8.68 -10.73
C ALA B 516 14.22 -9.47 -11.94
N LEU B 517 12.89 -9.56 -12.09
CA LEU B 517 12.33 -10.32 -13.20
C LEU B 517 12.69 -9.70 -14.55
N GLY B 518 12.94 -8.39 -14.57
CA GLY B 518 13.37 -7.72 -15.79
C GLY B 518 14.84 -7.81 -16.09
N ALA B 519 15.64 -8.35 -15.18
CA ALA B 519 17.07 -8.51 -15.40
C ALA B 519 17.30 -9.57 -16.48
N ASP B 520 18.02 -9.19 -17.53
CA ASP B 520 18.21 -10.07 -18.68
C ASP B 520 19.51 -10.87 -18.62
N ASP B 521 20.48 -10.45 -17.80
CA ASP B 521 21.78 -11.10 -17.74
C ASP B 521 21.84 -12.23 -16.72
N VAL B 522 20.70 -12.74 -16.29
CA VAL B 522 20.64 -13.84 -15.32
C VAL B 522 20.08 -15.07 -16.00
N ILE B 523 20.77 -16.20 -15.83
CA ILE B 523 20.26 -17.47 -16.33
C ILE B 523 18.96 -17.83 -15.63
N LEU B 524 18.96 -17.76 -14.31
CA LEU B 524 17.92 -18.36 -13.49
C LEU B 524 17.48 -17.37 -12.43
N HIS B 525 16.17 -17.16 -12.31
CA HIS B 525 15.62 -16.29 -11.27
C HIS B 525 15.34 -17.15 -10.04
N ALA B 526 16.37 -17.37 -9.24
CA ALA B 526 16.22 -18.15 -8.02
C ALA B 526 15.43 -17.38 -6.97
N TYR B 527 14.74 -18.13 -6.11
CA TYR B 527 13.99 -17.49 -5.03
C TYR B 527 14.91 -16.87 -3.99
N GLY B 528 16.08 -17.46 -3.77
CA GLY B 528 16.99 -17.00 -2.73
C GLY B 528 16.62 -17.54 -1.36
N ASP B 529 16.56 -18.87 -1.25
CA ASP B 529 16.10 -19.54 -0.05
C ASP B 529 17.23 -20.07 0.82
N TYR B 530 18.48 -19.96 0.38
CA TYR B 530 19.62 -20.52 1.10
C TYR B 530 20.29 -19.44 1.94
N ASP B 531 20.42 -19.70 3.23
CA ASP B 531 21.09 -18.76 4.13
C ASP B 531 22.60 -18.85 3.97
N GLU B 532 23.28 -17.81 4.45
CA GLU B 532 24.73 -17.83 4.60
C GLU B 532 25.07 -17.28 5.98
N ALA B 533 25.99 -16.32 6.06
CA ALA B 533 26.18 -15.59 7.30
C ALA B 533 24.98 -14.68 7.59
N ILE B 534 24.23 -14.32 6.56
CA ILE B 534 23.00 -13.55 6.69
C ILE B 534 21.86 -14.48 6.32
N PRO B 535 20.70 -14.40 6.99
CA PRO B 535 19.55 -15.20 6.57
C PRO B 535 19.20 -14.93 5.12
N SER B 536 18.55 -15.91 4.50
CA SER B 536 18.31 -15.88 3.08
C SER B 536 17.36 -14.74 2.72
N ALA B 537 17.24 -14.52 1.40
CA ALA B 537 16.42 -13.43 0.90
C ALA B 537 14.96 -13.59 1.32
N THR B 538 14.37 -14.74 0.97
CA THR B 538 12.99 -15.00 1.36
C THR B 538 12.83 -15.03 2.86
N SER B 539 13.86 -15.46 3.60
CA SER B 539 13.81 -15.40 5.05
C SER B 539 13.64 -13.97 5.53
N GLN B 540 14.45 -13.05 5.00
CA GLN B 540 14.31 -11.64 5.36
C GLN B 540 12.98 -11.08 4.89
N ILE B 541 12.48 -11.56 3.74
CA ILE B 541 11.23 -11.02 3.20
C ILE B 541 10.05 -11.43 4.07
N ILE B 542 10.05 -12.67 4.57
CA ILE B 542 8.99 -13.12 5.46
C ILE B 542 8.91 -12.22 6.69
N GLU B 543 10.06 -11.94 7.30
CA GLU B 543 10.09 -11.10 8.50
C GLU B 543 9.69 -9.67 8.17
N ALA B 544 10.23 -9.12 7.08
CA ALA B 544 9.95 -7.73 6.74
C ALA B 544 8.48 -7.50 6.46
N LEU B 545 7.84 -8.43 5.74
CA LEU B 545 6.42 -8.27 5.46
C LEU B 545 5.57 -8.52 6.69
N THR B 546 5.99 -9.45 7.55
CA THR B 546 5.27 -9.68 8.81
C THR B 546 5.31 -8.44 9.69
N ARG B 547 6.48 -7.82 9.82
CA ARG B 547 6.59 -6.59 10.61
C ARG B 547 5.83 -5.45 9.94
N LEU B 548 5.81 -5.41 8.60
CA LEU B 548 5.07 -4.36 7.90
C LEU B 548 3.58 -4.50 8.12
N PHE B 549 3.08 -5.71 8.33
CA PHE B 549 1.66 -5.88 8.65
C PHE B 549 1.35 -5.33 10.04
N LEU B 550 2.21 -5.61 11.02
CA LEU B 550 2.00 -5.10 12.37
C LEU B 550 2.01 -3.58 12.40
N ALA B 551 2.71 -2.95 11.46
CA ALA B 551 2.82 -1.50 11.40
C ALA B 551 1.71 -0.84 10.59
N THR B 552 0.92 -1.59 9.87
CA THR B 552 -0.10 -1.01 9.00
C THR B 552 -1.49 -1.59 9.20
N GLY B 553 -1.60 -2.89 9.46
CA GLY B 553 -2.89 -3.54 9.53
C GLY B 553 -3.49 -3.94 8.20
N ASP B 554 -2.67 -3.97 7.14
CA ASP B 554 -3.12 -4.34 5.81
C ASP B 554 -3.61 -5.78 5.79
N SER B 555 -4.91 -5.97 5.56
CA SER B 555 -5.46 -7.33 5.53
C SER B 555 -5.12 -8.06 4.23
N ALA B 556 -4.99 -7.34 3.11
CA ALA B 556 -4.54 -7.98 1.88
C ALA B 556 -3.10 -8.43 2.00
N LEU B 557 -2.27 -7.64 2.67
CA LEU B 557 -0.89 -8.06 2.94
C LEU B 557 -0.87 -9.31 3.82
N TYR B 558 -1.74 -9.34 4.83
CA TYR B 558 -1.82 -10.51 5.71
C TYR B 558 -2.24 -11.75 4.92
N GLU B 559 -3.19 -11.59 4.00
CA GLU B 559 -3.66 -12.74 3.23
C GLU B 559 -2.59 -13.24 2.27
N GLU B 560 -1.85 -12.33 1.64
CA GLU B 560 -0.78 -12.74 0.75
C GLU B 560 0.46 -13.22 1.50
N ASN B 561 0.59 -12.87 2.78
CA ASN B 561 1.72 -13.37 3.56
C ASN B 561 1.52 -14.84 3.93
N GLU B 562 0.30 -15.22 4.32
CA GLU B 562 0.04 -16.61 4.67
C GLU B 562 0.27 -17.54 3.48
N LYS B 563 -0.01 -17.07 2.26
CA LYS B 563 0.36 -17.83 1.08
C LYS B 563 1.87 -17.90 0.92
N LEU B 564 2.55 -16.76 1.10
CA LEU B 564 4.00 -16.71 0.94
C LEU B 564 4.69 -17.62 1.95
N ILE B 565 4.14 -17.71 3.17
CA ILE B 565 4.72 -18.57 4.20
C ILE B 565 4.65 -20.03 3.77
N GLU B 566 3.49 -20.46 3.28
CA GLU B 566 3.32 -21.86 2.90
C GLU B 566 4.11 -22.21 1.66
N GLN B 567 4.31 -21.25 0.75
CA GLN B 567 5.14 -21.51 -0.43
C GLN B 567 6.59 -21.73 -0.04
N ALA B 568 7.13 -20.86 0.81
CA ALA B 568 8.53 -20.98 1.22
C ALA B 568 8.76 -22.26 2.02
N LEU B 569 7.84 -22.58 2.94
CA LEU B 569 7.98 -23.80 3.72
C LEU B 569 7.92 -25.05 2.84
N GLY B 570 7.19 -24.98 1.73
CA GLY B 570 7.16 -26.11 0.80
C GLY B 570 8.51 -26.37 0.17
N ARG B 571 9.24 -25.30 -0.18
CA ARG B 571 10.59 -25.46 -0.71
C ARG B 571 11.59 -25.78 0.39
N ALA B 572 11.40 -25.21 1.58
CA ALA B 572 12.33 -25.43 2.67
C ALA B 572 12.39 -26.90 3.07
N LEU B 573 11.27 -27.62 2.94
CA LEU B 573 11.28 -29.05 3.21
C LEU B 573 12.15 -29.80 2.22
N ALA B 574 12.21 -29.34 0.97
CA ALA B 574 13.01 -29.99 -0.05
C ALA B 574 14.49 -29.62 0.01
N GLN B 575 14.85 -28.62 0.80
CA GLN B 575 16.24 -28.22 0.91
C GLN B 575 17.03 -29.18 1.78
N GLN B 576 18.32 -29.32 1.46
CA GLN B 576 19.22 -30.16 2.24
C GLN B 576 19.98 -29.37 3.29
N TYR B 577 20.02 -28.05 3.18
CA TYR B 577 20.71 -27.20 4.14
C TYR B 577 20.28 -25.75 3.87
N GLY B 578 20.67 -24.87 4.80
CA GLY B 578 20.47 -23.45 4.59
C GLY B 578 19.04 -22.97 4.62
N GLN B 579 18.14 -23.70 5.27
CA GLN B 579 16.74 -23.29 5.40
C GLN B 579 16.42 -22.79 6.81
N ILE B 580 17.44 -22.58 7.64
CA ILE B 580 17.21 -22.19 9.03
C ILE B 580 16.52 -20.83 9.10
N GLY B 581 16.89 -19.92 8.20
CA GLY B 581 16.25 -18.61 8.20
C GLY B 581 14.77 -18.68 7.88
N ILE B 582 14.38 -19.60 7.00
CA ILE B 582 12.97 -19.75 6.65
C ILE B 582 12.17 -20.22 7.85
N LEU B 583 12.64 -21.27 8.51
CA LEU B 583 11.92 -21.80 9.66
C LEU B 583 11.90 -20.81 10.82
N ASN B 584 12.94 -19.99 10.95
CA ASN B 584 12.93 -18.95 11.97
C ASN B 584 11.90 -17.87 11.65
N ALA B 585 11.86 -17.43 10.40
CA ALA B 585 10.94 -16.36 10.03
C ALA B 585 9.49 -16.84 10.07
N CYS B 586 9.25 -18.08 9.67
CA CYS B 586 7.89 -18.61 9.70
C CYS B 586 7.41 -18.84 11.13
N ARG B 587 8.32 -19.18 12.03
CA ARG B 587 7.94 -19.30 13.44
C ARG B 587 7.53 -17.94 14.01
N PHE B 588 8.23 -16.88 13.62
CA PHE B 588 7.85 -15.54 14.04
C PHE B 588 6.58 -15.08 13.32
N ALA B 589 6.46 -15.38 12.03
CA ALA B 589 5.28 -14.97 11.28
C ALA B 589 4.03 -15.71 11.77
N GLY B 590 4.19 -16.94 12.25
CA GLY B 590 3.05 -17.69 12.74
C GLY B 590 2.47 -17.17 14.05
N GLU B 591 3.26 -16.43 14.82
CA GLU B 591 2.81 -15.89 16.10
C GLU B 591 3.57 -14.59 16.39
N PRO B 592 3.24 -13.52 15.67
CA PRO B 592 3.91 -12.24 15.92
C PRO B 592 3.33 -11.52 17.12
N LEU B 593 4.14 -10.64 17.69
CA LEU B 593 3.75 -9.84 18.85
C LEU B 593 3.55 -8.40 18.43
N SER B 594 2.44 -7.80 18.88
CA SER B 594 2.11 -6.42 18.56
C SER B 594 1.77 -5.67 19.83
N LEU B 595 2.31 -4.46 19.96
CA LEU B 595 2.11 -3.65 21.16
C LEU B 595 1.87 -2.21 20.76
N LEU B 596 0.67 -1.70 21.06
CA LEU B 596 0.35 -0.29 20.90
C LEU B 596 0.44 0.39 22.26
N ILE B 597 1.08 1.56 22.29
CA ILE B 597 1.28 2.32 23.53
C ILE B 597 0.71 3.71 23.33
N ALA B 598 -0.25 4.08 24.16
CA ALA B 598 -0.79 5.43 24.20
C ALA B 598 -0.07 6.20 25.30
N ALA B 599 0.56 7.32 24.93
CA ALA B 599 1.32 8.10 25.88
C ALA B 599 1.29 9.56 25.45
N THR B 600 1.73 10.43 26.36
CA THR B 600 1.75 11.87 26.11
C THR B 600 3.15 12.39 25.80
N ASP B 601 4.20 11.63 26.10
CA ASP B 601 5.56 12.06 25.82
C ASP B 601 6.45 10.83 25.86
N ARG B 602 7.71 11.02 25.44
CA ARG B 602 8.68 9.93 25.44
C ARG B 602 9.11 9.54 26.85
N THR B 603 8.87 10.41 27.84
CA THR B 603 9.26 10.15 29.22
C THR B 603 8.27 9.28 29.96
N ASP B 604 7.21 8.82 29.30
CA ASP B 604 6.20 7.99 29.96
C ASP B 604 6.82 6.67 30.42
N GLU B 605 6.25 6.10 31.48
CA GLU B 605 6.78 4.87 32.03
C GLU B 605 6.58 3.69 31.09
N LEU B 606 5.40 3.59 30.46
CA LEU B 606 5.12 2.47 29.58
C LEU B 606 6.03 2.50 28.34
N VAL B 607 6.32 3.69 27.83
CA VAL B 607 7.24 3.80 26.70
C VAL B 607 8.65 3.37 27.12
N SER B 608 9.02 3.63 28.37
CA SER B 608 10.38 3.32 28.81
C SER B 608 10.59 1.82 28.95
N ILE B 609 9.68 1.13 29.64
CA ILE B 609 9.85 -0.30 29.85
C ILE B 609 9.72 -1.08 28.54
N ALA B 610 9.08 -0.50 27.53
CA ALA B 610 9.07 -1.12 26.21
C ALA B 610 10.40 -0.94 25.51
N ASN B 611 11.02 0.23 25.67
CA ASN B 611 12.35 0.45 25.10
C ASN B 611 13.39 -0.46 25.76
N ARG B 612 13.30 -0.62 27.07
CA ARG B 612 14.23 -1.48 27.81
C ARG B 612 13.88 -2.96 27.70
N THR B 613 12.98 -3.33 26.79
CA THR B 613 12.60 -4.72 26.56
C THR B 613 12.65 -5.01 25.06
N PRO B 614 13.85 -5.11 24.49
CA PRO B 614 13.95 -5.41 23.06
C PRO B 614 13.53 -6.85 22.77
N ASP B 615 12.64 -7.00 21.80
CA ASP B 615 12.15 -8.32 21.41
C ASP B 615 12.07 -8.40 19.89
N PRO B 616 12.79 -9.33 19.26
CA PRO B 616 12.72 -9.46 17.80
C PRO B 616 11.36 -9.90 17.29
N ARG B 617 10.48 -10.39 18.15
CA ARG B 617 9.16 -10.86 17.75
C ARG B 617 8.09 -9.77 17.85
N ARG B 618 8.43 -8.59 18.38
CA ARG B 618 7.45 -7.56 18.65
C ARG B 618 7.77 -6.31 17.85
N LEU B 619 6.71 -5.61 17.41
CA LEU B 619 6.82 -4.31 16.77
C LEU B 619 6.01 -3.31 17.58
N ASP B 620 6.63 -2.19 17.94
CA ASP B 620 6.00 -1.21 18.81
C ASP B 620 5.34 -0.12 17.98
N LYS B 621 4.21 0.37 18.48
CA LYS B 621 3.45 1.45 17.85
C LYS B 621 3.08 2.48 18.91
N PHE B 622 3.10 3.75 18.54
CA PHE B 622 2.84 4.84 19.48
C PHE B 622 1.74 5.74 18.93
N VAL B 623 0.91 6.26 19.84
CA VAL B 623 -0.16 7.19 19.50
C VAL B 623 -0.18 8.29 20.54
N LEU B 624 -0.26 9.54 20.07
CA LEU B 624 -0.28 10.68 20.98
C LEU B 624 -1.59 10.72 21.76
N VAL B 625 -1.48 10.96 23.06
CA VAL B 625 -2.65 10.99 23.94
C VAL B 625 -2.57 12.19 24.87
#